data_7VPU
#
_entry.id   7VPU
#
_cell.length_a   64.379
_cell.length_b   147.127
_cell.length_c   90.948
_cell.angle_alpha   90.000
_cell.angle_beta   108.325
_cell.angle_gamma   90.000
#
_symmetry.space_group_name_H-M   'P 1 21 1'
#
loop_
_entity.id
_entity.type
_entity.pdbx_description
1 polymer 'Sterol uptake control protein 2 (Upc2)'
2 non-polymer ERGOSTEROL
#
_entity_poly.entity_id   1
_entity_poly.type   'polypeptide(L)'
_entity_poly.pdbx_seq_one_letter_code
;MSYYHHHHHHDYDIPTLVPRGSAMGSSNQGTLNLIDLKLFHHYCTEVWPTITSAGISGERIWSDEIPQLAFDYPFLMHAL
LAFSATHLARKEPGLEQYVASHRLDALRLLRKAVLEISEDNTDALVASALILIMDSLANASSVDSPSAWIFHVKGAATIL
TAVWPLTEKSRFHNLISVDLSDLGDIINQDSGTVSELVCFDESIADLYPVEIDSPYLITLAYLDKLHREKNQSDFILRVF
AFPALLDKTFLALLMTGDLGAMRIMRCYYQLLRGFATEVKDKVWFLEGITQVLPQDVDDYSGGGMHMMLDFLGGGLPSMT
TTNLQPGLSDFM
;
_entity_poly.pdbx_strand_id   A,B,C,D
#
loop_
_chem_comp.id
_chem_comp.type
_chem_comp.name
_chem_comp.formula
ERG non-polymer ERGOSTEROL 'C28 H44 O'
#
# COMPACT_ATOMS: atom_id res chain seq x y z
N LEU A 32 21.23 -3.21 19.95
CA LEU A 32 20.48 -2.49 18.91
C LEU A 32 19.73 -3.47 18.02
N ASN A 33 18.41 -3.40 18.15
CA ASN A 33 17.49 -4.36 17.54
C ASN A 33 16.71 -3.65 16.43
N LEU A 34 17.15 -3.86 15.19
CA LEU A 34 16.57 -3.13 14.09
C LEU A 34 15.32 -3.80 13.54
N ILE A 35 14.99 -5.01 13.98
CA ILE A 35 13.73 -5.61 13.57
C ILE A 35 12.58 -4.93 14.28
N ASP A 36 12.66 -4.80 15.61
CA ASP A 36 11.61 -4.05 16.30
C ASP A 36 11.60 -2.59 15.84
N LEU A 37 12.75 -2.03 15.48
CA LEU A 37 12.74 -0.67 14.96
C LEU A 37 12.05 -0.62 13.61
N LYS A 38 12.31 -1.61 12.75
CA LYS A 38 11.62 -1.65 11.46
C LYS A 38 10.14 -1.91 11.65
N LEU A 39 9.79 -2.79 12.60
CA LEU A 39 8.40 -3.10 12.84
C LEU A 39 7.65 -1.88 13.34
N PHE A 40 8.26 -1.12 14.25
CA PHE A 40 7.59 0.04 14.84
C PHE A 40 7.51 1.21 13.86
N HIS A 41 8.57 1.45 13.09
CA HIS A 41 8.46 2.43 12.01
C HIS A 41 7.35 2.02 11.06
N HIS A 42 7.21 0.71 10.81
CA HIS A 42 6.15 0.25 9.95
C HIS A 42 4.77 0.58 10.51
N TYR A 43 4.63 0.58 11.84
CA TYR A 43 3.36 1.00 12.45
C TYR A 43 3.11 2.49 12.25
N CYS A 44 4.08 3.34 12.57
CA CYS A 44 3.79 4.77 12.50
C CYS A 44 3.76 5.29 11.07
N THR A 45 4.09 4.48 10.07
CA THR A 45 3.96 4.97 8.71
C THR A 45 2.93 4.23 7.88
N GLU A 46 2.84 2.91 7.98
CA GLU A 46 1.95 2.16 7.10
C GLU A 46 0.72 1.60 7.78
N VAL A 47 0.76 1.27 9.07
CA VAL A 47 -0.34 0.52 9.67
C VAL A 47 -1.41 1.43 10.27
N TRP A 48 -1.04 2.45 11.05
CA TRP A 48 -2.08 3.34 11.58
C TRP A 48 -3.05 3.89 10.52
N PRO A 49 -2.59 4.30 9.28
CA PRO A 49 -3.43 4.79 8.09
C PRO A 49 -4.51 3.78 7.73
N THR A 50 -4.17 2.55 7.98
CA THR A 50 -5.04 1.40 7.78
C THR A 50 -6.08 1.22 8.87
N ILE A 51 -5.86 1.82 10.02
CA ILE A 51 -6.88 1.75 11.07
C ILE A 51 -7.87 2.87 10.89
N THR A 52 -7.32 4.07 10.74
CA THR A 52 -8.10 5.24 10.40
C THR A 52 -9.05 4.98 9.22
N SER A 53 -8.55 4.32 8.16
CA SER A 53 -9.28 4.17 6.89
C SER A 53 -10.42 3.14 6.95
N ALA A 54 -10.42 2.28 7.96
CA ALA A 54 -11.51 1.31 8.10
C ALA A 54 -12.77 1.92 8.72
N GLY A 55 -12.73 3.17 9.17
CA GLY A 55 -13.86 3.86 9.80
C GLY A 55 -13.58 4.35 11.20
N ILE A 56 -12.38 4.08 11.72
CA ILE A 56 -12.00 4.46 13.08
C ILE A 56 -11.56 5.91 13.10
N SER A 57 -11.98 6.62 14.15
CA SER A 57 -11.79 8.04 14.41
C SER A 57 -10.47 8.29 15.17
N GLY A 58 -10.21 9.56 15.50
CA GLY A 58 -9.18 9.86 16.45
C GLY A 58 -7.82 9.54 15.90
N GLU A 59 -7.51 10.13 14.75
CA GLU A 59 -6.32 9.70 14.04
C GLU A 59 -5.06 9.98 14.86
N ARG A 60 -5.05 11.03 15.70
CA ARG A 60 -3.88 11.26 16.54
C ARG A 60 -3.77 10.27 17.69
N ILE A 61 -4.86 9.59 18.03
CA ILE A 61 -4.77 8.49 18.99
C ILE A 61 -3.88 7.39 18.43
N TRP A 62 -4.10 7.03 17.15
CA TRP A 62 -3.37 5.93 16.54
C TRP A 62 -1.99 6.36 16.02
N SER A 63 -1.88 7.58 15.49
CA SER A 63 -0.63 8.04 14.88
C SER A 63 0.41 8.47 15.91
N ASP A 64 -0.03 9.09 17.02
CA ASP A 64 0.93 9.52 18.04
C ASP A 64 0.57 9.10 19.47
N GLU A 65 -0.69 9.18 19.89
CA GLU A 65 -0.99 8.97 21.31
C GLU A 65 -0.72 7.53 21.75
N ILE A 66 -1.03 6.55 20.90
CA ILE A 66 -0.79 5.14 21.24
C ILE A 66 0.70 4.78 21.23
N PRO A 67 1.48 5.22 20.24
CA PRO A 67 2.93 5.00 20.33
C PRO A 67 3.53 5.58 21.61
N GLN A 68 3.15 6.80 22.00
CA GLN A 68 3.75 7.37 23.21
C GLN A 68 3.34 6.58 24.45
N LEU A 69 2.13 6.01 24.46
CA LEU A 69 1.75 5.07 25.52
C LEU A 69 2.59 3.81 25.51
N ALA A 70 2.99 3.33 24.32
CA ALA A 70 3.76 2.09 24.24
C ALA A 70 5.09 2.19 24.99
N PHE A 71 5.69 3.38 25.05
CA PHE A 71 6.98 3.54 25.71
C PHE A 71 6.89 3.38 27.23
N ASP A 72 5.71 3.63 27.82
CA ASP A 72 5.50 3.51 29.25
C ASP A 72 4.93 2.15 29.66
N TYR A 73 4.38 1.39 28.73
CA TYR A 73 3.72 0.12 29.04
C TYR A 73 4.16 -0.92 28.04
N PRO A 74 5.14 -1.75 28.41
CA PRO A 74 5.63 -2.77 27.47
C PRO A 74 4.53 -3.60 26.82
N PHE A 75 3.45 -3.93 27.55
CA PHE A 75 2.43 -4.81 26.95
C PHE A 75 1.82 -4.19 25.70
N LEU A 76 1.69 -2.87 25.66
CA LEU A 76 1.19 -2.23 24.46
C LEU A 76 2.21 -2.28 23.32
N MET A 77 3.50 -2.04 23.63
CA MET A 77 4.50 -2.08 22.57
C MET A 77 4.48 -3.44 21.87
N HIS A 78 4.47 -4.50 22.67
CA HIS A 78 4.39 -5.84 22.10
C HIS A 78 3.16 -5.99 21.21
N ALA A 79 1.99 -5.63 21.73
CA ALA A 79 0.79 -5.72 20.89
C ALA A 79 0.96 -4.90 19.62
N LEU A 80 1.55 -3.72 19.75
CA LEU A 80 1.77 -2.87 18.58
C LEU A 80 2.69 -3.56 17.57
N LEU A 81 3.81 -4.12 18.02
CA LEU A 81 4.74 -4.69 17.05
C LEU A 81 4.22 -6.00 16.49
N ALA A 82 3.49 -6.77 17.29
CA ALA A 82 2.90 -8.00 16.80
C ALA A 82 1.90 -7.70 15.69
N PHE A 83 0.97 -6.76 15.93
CA PHE A 83 0.08 -6.30 14.88
C PHE A 83 0.84 -5.74 13.69
N SER A 84 1.95 -5.07 13.92
CA SER A 84 2.56 -4.57 12.69
C SER A 84 3.32 -5.66 11.98
N ALA A 85 3.94 -6.62 12.68
CA ALA A 85 4.52 -7.75 11.96
C ALA A 85 3.47 -8.47 11.12
N THR A 86 2.31 -8.73 11.72
CA THR A 86 1.15 -9.32 11.03
C THR A 86 0.91 -8.63 9.70
N HIS A 87 1.02 -7.30 9.71
CA HIS A 87 0.70 -6.53 8.50
C HIS A 87 1.85 -6.50 7.51
N LEU A 88 3.08 -6.54 8.00
CA LEU A 88 4.23 -6.54 7.09
C LEU A 88 4.50 -7.93 6.53
N ALA A 89 3.86 -8.95 7.11
CA ALA A 89 3.99 -10.34 6.66
C ALA A 89 3.19 -10.64 5.39
N ARG A 90 2.45 -9.66 4.89
CA ARG A 90 1.75 -9.75 3.61
C ARG A 90 2.68 -9.47 2.44
N LYS A 91 3.87 -8.96 2.70
CA LYS A 91 4.78 -8.69 1.59
C LYS A 91 6.23 -9.05 1.90
N GLU A 92 6.50 -9.70 3.03
CA GLU A 92 7.86 -10.14 3.31
C GLU A 92 7.81 -11.52 3.96
N PRO A 93 8.74 -12.40 3.61
CA PRO A 93 8.79 -13.71 4.28
C PRO A 93 9.50 -13.56 5.61
N GLY A 94 9.78 -14.69 6.25
CA GLY A 94 10.10 -14.37 7.60
C GLY A 94 8.90 -13.74 8.26
N LEU A 95 9.21 -12.87 9.20
CA LEU A 95 8.30 -12.22 10.14
C LEU A 95 7.30 -13.09 10.90
N GLU A 96 6.87 -14.24 10.39
CA GLU A 96 5.82 -14.79 11.25
C GLU A 96 6.42 -15.51 12.44
N GLN A 97 7.75 -15.59 12.55
CA GLN A 97 8.38 -15.89 13.83
C GLN A 97 8.22 -14.77 14.86
N TYR A 98 8.00 -13.53 14.42
CA TYR A 98 7.92 -12.40 15.32
C TYR A 98 6.49 -12.01 15.67
N VAL A 99 5.51 -12.34 14.83
CA VAL A 99 4.11 -12.26 15.26
C VAL A 99 3.92 -13.06 16.54
N ALA A 100 4.41 -14.30 16.55
CA ALA A 100 4.18 -15.18 17.69
C ALA A 100 4.89 -14.66 18.94
N SER A 101 6.18 -14.34 18.81
CA SER A 101 7.00 -13.90 19.93
C SER A 101 6.34 -12.75 20.68
N HIS A 102 6.00 -11.70 19.93
CA HIS A 102 5.48 -10.50 20.56
C HIS A 102 4.08 -10.73 21.11
N ARG A 103 3.27 -11.50 20.39
CA ARG A 103 1.92 -11.77 20.89
C ARG A 103 1.98 -12.39 22.27
N LEU A 104 2.77 -13.44 22.44
CA LEU A 104 2.72 -14.11 23.74
C LEU A 104 3.33 -13.24 24.81
N ASP A 105 4.38 -12.48 24.49
CA ASP A 105 4.84 -11.55 25.51
C ASP A 105 3.81 -10.47 25.77
N ALA A 106 3.03 -10.02 24.79
CA ALA A 106 1.91 -9.14 25.13
C ALA A 106 0.93 -9.83 26.07
N LEU A 107 0.48 -11.04 25.72
CA LEU A 107 -0.53 -11.71 26.54
C LEU A 107 -0.03 -11.93 27.96
N ARG A 108 1.24 -12.24 28.12
CA ARG A 108 1.69 -12.49 29.47
C ARG A 108 1.73 -11.21 30.29
N LEU A 109 2.27 -10.13 29.73
CA LEU A 109 2.26 -8.87 30.46
C LEU A 109 0.86 -8.35 30.69
N LEU A 110 -0.07 -8.60 29.77
CA LEU A 110 -1.40 -8.03 29.98
C LEU A 110 -2.10 -8.74 31.13
N ARG A 111 -2.19 -10.07 31.09
CA ARG A 111 -2.55 -10.92 32.22
C ARG A 111 -2.25 -10.33 33.58
N LYS A 112 -1.08 -9.72 33.65
CA LYS A 112 -0.64 -9.14 34.91
C LYS A 112 -1.17 -7.73 35.04
N ALA A 113 -1.07 -6.96 33.95
CA ALA A 113 -1.48 -5.57 34.01
C ALA A 113 -2.98 -5.45 34.22
N VAL A 114 -3.75 -6.43 33.73
CA VAL A 114 -5.19 -6.28 33.91
C VAL A 114 -5.61 -6.61 35.33
N LEU A 115 -4.69 -7.01 36.19
CA LEU A 115 -5.04 -7.12 37.60
C LEU A 115 -4.79 -5.81 38.34
N GLU A 116 -3.70 -5.12 38.00
CA GLU A 116 -3.48 -3.80 38.56
C GLU A 116 -4.20 -2.72 37.75
N ILE A 117 -5.46 -2.94 37.34
CA ILE A 117 -6.12 -1.94 36.52
C ILE A 117 -6.26 -0.63 37.30
N SER A 118 -5.82 0.47 36.65
CA SER A 118 -5.55 1.81 37.21
C SER A 118 -6.03 2.88 36.23
N GLU A 119 -6.12 4.14 36.70
CA GLU A 119 -6.29 5.27 35.80
C GLU A 119 -5.07 5.49 34.93
N ASP A 120 -3.88 5.08 35.40
CA ASP A 120 -2.68 5.32 34.60
C ASP A 120 -2.63 4.43 33.37
N ASN A 121 -3.27 3.25 33.41
CA ASN A 121 -3.06 2.24 32.38
C ASN A 121 -4.35 1.68 31.79
N THR A 122 -5.49 2.36 31.98
CA THR A 122 -6.70 1.92 31.30
C THR A 122 -6.59 2.10 29.79
N ASP A 123 -6.12 3.27 29.33
CA ASP A 123 -6.11 3.51 27.88
C ASP A 123 -5.11 2.59 27.20
N ALA A 124 -3.98 2.32 27.87
CA ALA A 124 -3.01 1.37 27.33
C ALA A 124 -3.61 -0.03 27.25
N LEU A 125 -4.34 -0.43 28.29
CA LEU A 125 -5.08 -1.68 28.23
C LEU A 125 -6.06 -1.70 27.06
N VAL A 126 -6.82 -0.62 26.88
CA VAL A 126 -7.87 -0.61 25.86
C VAL A 126 -7.25 -0.69 24.46
N ALA A 127 -6.19 0.06 24.20
CA ALA A 127 -5.58 0.06 22.88
C ALA A 127 -4.94 -1.28 22.57
N SER A 128 -4.32 -1.92 23.57
CA SER A 128 -3.73 -3.23 23.32
C SER A 128 -4.81 -4.26 22.99
N ALA A 129 -5.95 -4.25 23.69
CA ALA A 129 -7.06 -5.13 23.34
C ALA A 129 -7.51 -4.93 21.91
N LEU A 130 -7.80 -3.68 21.56
CA LEU A 130 -8.25 -3.41 20.19
C LEU A 130 -7.19 -3.82 19.19
N ILE A 131 -5.91 -3.61 19.50
CA ILE A 131 -4.85 -4.05 18.60
C ILE A 131 -4.86 -5.57 18.50
N LEU A 132 -4.95 -6.23 19.65
CA LEU A 132 -4.93 -7.69 19.66
C LEU A 132 -6.16 -8.27 18.95
N ILE A 133 -7.29 -7.56 18.96
CA ILE A 133 -8.50 -8.05 18.29
C ILE A 133 -8.35 -7.94 16.78
N MET A 134 -7.87 -6.80 16.27
CA MET A 134 -7.62 -6.71 14.82
C MET A 134 -6.56 -7.70 14.39
N ASP A 135 -5.57 -7.96 15.25
CA ASP A 135 -4.52 -8.90 14.90
C ASP A 135 -5.03 -10.33 14.88
N SER A 136 -5.91 -10.68 15.82
CA SER A 136 -6.46 -12.03 15.84
C SER A 136 -7.39 -12.27 14.66
N LEU A 137 -8.10 -11.23 14.26
CA LEU A 137 -9.04 -11.27 13.14
C LEU A 137 -8.32 -11.35 11.81
N ALA A 138 -7.10 -10.88 11.77
CA ALA A 138 -6.30 -10.92 10.57
C ALA A 138 -5.55 -12.22 10.44
N ASN A 139 -5.49 -12.98 11.51
CA ASN A 139 -4.83 -14.28 11.44
C ASN A 139 -5.86 -15.38 11.51
N ALA A 140 -7.14 -15.02 11.43
CA ALA A 140 -8.19 -16.02 11.38
C ALA A 140 -8.21 -16.70 10.02
N SER A 141 -7.86 -15.95 8.98
CA SER A 141 -7.83 -16.45 7.62
C SER A 141 -6.99 -17.71 7.54
N PRO A 146 -11.21 -25.59 19.26
CA PRO A 146 -11.18 -24.13 19.09
C PRO A 146 -10.04 -23.71 18.28
N SER A 147 -10.16 -22.89 17.28
CA SER A 147 -8.93 -22.96 16.53
C SER A 147 -7.98 -21.78 16.67
N ALA A 148 -8.00 -21.24 17.88
CA ALA A 148 -7.03 -20.38 18.55
C ALA A 148 -7.19 -18.91 18.30
N TRP A 149 -7.67 -18.47 17.13
CA TRP A 149 -8.02 -17.05 17.04
C TRP A 149 -9.20 -16.78 18.00
N ILE A 150 -10.19 -17.68 18.04
CA ILE A 150 -11.34 -17.53 18.95
C ILE A 150 -10.86 -17.28 20.37
N PHE A 151 -10.05 -18.22 20.86
CA PHE A 151 -9.44 -18.08 22.16
C PHE A 151 -8.74 -16.73 22.33
N HIS A 152 -8.05 -16.26 21.28
CA HIS A 152 -7.34 -15.00 21.44
C HIS A 152 -8.32 -13.81 21.47
N VAL A 153 -9.27 -13.75 20.53
CA VAL A 153 -10.30 -12.71 20.56
C VAL A 153 -10.99 -12.69 21.91
N LYS A 154 -11.37 -13.88 22.36
CA LYS A 154 -12.00 -14.03 23.66
C LYS A 154 -11.15 -13.37 24.73
N GLY A 155 -9.86 -13.71 24.73
CA GLY A 155 -8.99 -13.23 25.79
C GLY A 155 -8.81 -11.73 25.71
N ALA A 156 -8.41 -11.25 24.53
CA ALA A 156 -8.38 -9.83 24.27
C ALA A 156 -9.66 -9.14 24.72
N ALA A 157 -10.83 -9.65 24.32
CA ALA A 157 -12.08 -8.97 24.66
C ALA A 157 -12.36 -8.97 26.17
N THR A 158 -11.78 -9.89 26.91
CA THR A 158 -11.83 -9.85 28.36
C THR A 158 -11.27 -8.55 28.92
N ILE A 159 -10.28 -7.94 28.25
CA ILE A 159 -9.70 -6.72 28.80
C ILE A 159 -10.70 -5.57 28.72
N LEU A 160 -11.42 -5.47 27.60
CA LEU A 160 -12.48 -4.48 27.50
C LEU A 160 -13.49 -4.64 28.64
N THR A 161 -13.94 -5.87 28.87
CA THR A 161 -14.89 -6.10 29.93
C THR A 161 -14.32 -5.65 31.29
N ALA A 162 -13.09 -6.07 31.58
CA ALA A 162 -12.47 -5.77 32.86
C ALA A 162 -12.28 -4.27 33.07
N VAL A 163 -12.28 -3.49 32.00
CA VAL A 163 -12.05 -2.06 32.12
C VAL A 163 -13.34 -1.24 32.06
N TRP A 164 -14.46 -1.86 31.69
CA TRP A 164 -15.71 -1.15 31.41
C TRP A 164 -16.50 -0.90 32.71
N PRO A 165 -17.09 0.30 32.88
CA PRO A 165 -17.11 1.38 31.89
C PRO A 165 -15.94 2.33 32.01
N LEU A 166 -15.73 3.14 30.97
CA LEU A 166 -14.66 4.13 30.92
C LEU A 166 -15.17 5.49 31.39
N THR A 167 -14.40 6.12 32.28
CA THR A 167 -14.59 7.55 32.49
C THR A 167 -14.55 8.23 31.13
N GLU A 168 -15.20 9.39 31.02
CA GLU A 168 -15.09 10.12 29.76
C GLU A 168 -13.74 10.82 29.62
N LYS A 169 -12.84 10.65 30.60
CA LYS A 169 -11.43 11.00 30.48
C LYS A 169 -10.71 10.11 29.48
N SER A 170 -11.26 8.94 29.16
CA SER A 170 -10.61 8.01 28.26
C SER A 170 -10.66 8.54 26.84
N ARG A 171 -9.51 8.47 26.16
CA ARG A 171 -9.38 8.75 24.73
C ARG A 171 -10.33 7.90 23.92
N PHE A 172 -10.76 6.81 24.54
CA PHE A 172 -11.40 5.69 23.87
C PHE A 172 -12.90 5.62 24.12
N HIS A 173 -13.54 6.74 24.48
CA HIS A 173 -14.99 6.65 24.68
C HIS A 173 -15.70 6.60 23.33
N ASN A 174 -15.17 5.74 22.45
CA ASN A 174 -15.65 5.55 21.08
C ASN A 174 -15.81 4.08 20.73
N LEU A 175 -15.81 3.18 21.71
CA LEU A 175 -16.21 1.78 21.59
C LEU A 175 -17.63 1.54 22.04
N ILE A 176 -18.35 2.60 22.38
CA ILE A 176 -19.69 2.50 22.92
C ILE A 176 -20.53 3.52 22.17
N SER A 177 -21.84 3.29 22.18
CA SER A 177 -22.85 4.26 21.80
C SER A 177 -23.13 5.15 23.00
N VAL A 178 -23.82 6.27 22.80
CA VAL A 178 -24.37 6.99 23.94
C VAL A 178 -25.82 6.52 24.06
N ASP A 179 -26.16 5.99 25.22
CA ASP A 179 -27.52 5.61 25.58
C ASP A 179 -28.12 6.70 26.43
N LEU A 180 -27.66 7.95 26.16
CA LEU A 180 -27.91 9.10 27.04
C LEU A 180 -29.22 9.78 26.77
N SER A 181 -29.70 9.73 25.55
CA SER A 181 -30.99 10.24 25.10
C SER A 181 -32.17 9.46 25.68
N ASP A 182 -33.22 9.34 24.87
CA ASP A 182 -34.21 8.27 25.06
C ASP A 182 -35.07 8.18 23.80
N LEU A 183 -36.37 7.89 23.93
CA LEU A 183 -37.19 7.58 22.75
C LEU A 183 -38.61 8.12 22.96
N GLY A 184 -38.96 9.16 22.23
CA GLY A 184 -40.23 9.86 22.32
C GLY A 184 -40.10 11.27 21.78
N GLY A 192 -47.37 8.30 21.95
CA GLY A 192 -46.20 8.96 21.43
C GLY A 192 -44.93 8.17 21.69
N THR A 193 -45.01 6.86 21.54
CA THR A 193 -43.82 6.08 21.84
C THR A 193 -42.96 5.90 20.59
N VAL A 194 -41.66 5.85 20.81
CA VAL A 194 -40.70 5.83 19.69
C VAL A 194 -39.68 4.69 19.88
N SER A 195 -39.31 4.10 18.71
CA SER A 195 -38.35 3.00 18.45
C SER A 195 -38.58 1.60 19.06
N GLU A 196 -38.24 0.66 18.20
CA GLU A 196 -38.40 -0.79 18.19
C GLU A 196 -37.39 -1.34 17.19
N LEU A 197 -36.39 -2.11 17.61
CA LEU A 197 -35.44 -2.67 16.65
C LEU A 197 -36.15 -3.77 15.86
N VAL A 198 -35.84 -3.89 14.58
CA VAL A 198 -36.45 -4.92 13.72
C VAL A 198 -35.33 -5.73 13.08
N CYS A 199 -35.29 -7.03 13.36
CA CYS A 199 -34.35 -7.97 12.73
C CYS A 199 -35.05 -8.60 11.54
N PHE A 200 -34.34 -8.81 10.43
CA PHE A 200 -35.04 -9.40 9.27
C PHE A 200 -34.93 -10.92 9.25
N ASP A 201 -33.76 -11.49 9.00
CA ASP A 201 -33.81 -12.98 9.05
C ASP A 201 -33.87 -13.43 10.51
N GLU A 202 -35.10 -13.42 11.08
CA GLU A 202 -35.66 -14.03 12.32
C GLU A 202 -36.28 -12.74 12.91
N SER A 203 -37.23 -12.81 13.86
CA SER A 203 -37.90 -11.60 14.39
C SER A 203 -37.88 -11.59 15.92
N ILE A 204 -37.77 -10.38 16.49
CA ILE A 204 -37.71 -10.08 17.94
C ILE A 204 -38.80 -9.06 18.22
N ALA A 205 -39.88 -9.28 17.49
CA ALA A 205 -41.14 -8.60 17.25
C ALA A 205 -42.13 -8.99 18.33
N ASP A 206 -42.06 -10.26 18.67
CA ASP A 206 -42.79 -10.92 19.75
C ASP A 206 -42.21 -10.62 21.13
N LEU A 207 -41.08 -9.93 21.18
CA LEU A 207 -40.49 -9.42 22.43
C LEU A 207 -40.94 -8.01 22.68
N TYR A 208 -42.08 -7.64 22.11
CA TYR A 208 -42.52 -6.25 22.22
C TYR A 208 -43.98 -6.11 22.65
N PRO A 209 -44.26 -4.93 23.31
CA PRO A 209 -43.30 -3.88 23.68
C PRO A 209 -42.57 -4.26 24.97
N VAL A 210 -41.26 -4.03 24.99
CA VAL A 210 -40.42 -4.40 26.13
C VAL A 210 -40.76 -3.52 27.32
N GLU A 211 -40.84 -4.14 28.51
CA GLU A 211 -41.14 -3.53 29.81
C GLU A 211 -39.90 -2.77 30.33
N ILE A 212 -40.05 -1.97 31.39
CA ILE A 212 -38.84 -1.32 31.95
C ILE A 212 -37.99 -2.33 32.72
N ASP A 213 -38.64 -3.29 33.38
CA ASP A 213 -37.95 -4.26 34.23
C ASP A 213 -37.44 -5.45 33.44
N SER A 214 -37.71 -5.46 32.13
CA SER A 214 -37.22 -6.47 31.21
C SER A 214 -35.69 -6.54 31.25
N PRO A 215 -35.10 -7.73 31.32
CA PRO A 215 -33.64 -7.87 31.19
C PRO A 215 -33.11 -7.77 29.76
N TYR A 216 -33.95 -7.39 28.78
CA TYR A 216 -33.54 -7.15 27.40
C TYR A 216 -33.40 -5.68 27.07
N LEU A 217 -33.94 -4.82 27.92
CA LEU A 217 -34.03 -3.40 27.62
C LEU A 217 -32.65 -2.83 27.27
N ILE A 218 -31.68 -3.00 28.17
CA ILE A 218 -30.38 -2.39 27.94
C ILE A 218 -29.76 -2.90 26.64
N THR A 219 -29.79 -4.22 26.42
CA THR A 219 -29.20 -4.77 25.20
C THR A 219 -29.98 -4.33 23.96
N LEU A 220 -31.32 -4.30 24.02
CA LEU A 220 -32.09 -3.93 22.82
C LEU A 220 -31.86 -2.48 22.44
N ALA A 221 -31.95 -1.57 23.42
CA ALA A 221 -31.59 -0.18 23.16
C ALA A 221 -30.16 -0.08 22.61
N TYR A 222 -29.20 -0.78 23.24
CA TYR A 222 -27.82 -0.75 22.77
C TYR A 222 -27.73 -1.29 21.34
N LEU A 223 -28.46 -2.38 21.04
CA LEU A 223 -28.43 -2.94 19.69
C LEU A 223 -29.17 -2.04 18.69
N ASP A 224 -30.24 -1.35 19.09
CA ASP A 224 -30.87 -0.45 18.14
C ASP A 224 -29.98 0.76 17.85
N LYS A 225 -29.42 1.42 18.87
CA LYS A 225 -28.51 2.52 18.60
C LYS A 225 -27.30 2.08 17.75
N LEU A 226 -26.83 0.85 17.96
CA LEU A 226 -25.69 0.36 17.20
C LEU A 226 -25.99 0.29 15.70
N HIS A 227 -27.19 -0.17 15.34
CA HIS A 227 -27.66 -0.14 13.94
C HIS A 227 -27.77 1.29 13.43
N ARG A 228 -28.16 2.23 14.29
CA ARG A 228 -28.29 3.62 13.86
C ARG A 228 -26.96 4.31 13.63
N GLU A 229 -25.86 3.76 14.09
CA GLU A 229 -24.64 4.44 13.69
C GLU A 229 -23.76 3.51 12.87
N LYS A 230 -24.45 2.63 12.16
CA LYS A 230 -23.84 1.72 11.19
C LYS A 230 -22.88 2.44 10.24
N ASN A 231 -23.10 3.76 10.04
CA ASN A 231 -22.28 4.56 9.13
C ASN A 231 -21.52 5.70 9.81
N GLN A 232 -21.75 5.96 11.08
CA GLN A 232 -20.87 6.91 11.73
C GLN A 232 -19.53 6.24 12.00
N SER A 233 -18.52 7.08 12.22
CA SER A 233 -17.15 6.76 12.54
C SER A 233 -17.03 5.71 13.64
N ASP A 234 -15.90 5.01 13.72
CA ASP A 234 -15.63 4.05 14.79
C ASP A 234 -16.69 2.98 14.91
N PHE A 235 -17.46 2.71 13.86
CA PHE A 235 -18.47 1.67 13.98
C PHE A 235 -17.84 0.30 14.09
N ILE A 236 -16.69 0.08 13.47
CA ILE A 236 -16.13 -1.24 13.61
C ILE A 236 -15.69 -1.47 15.05
N LEU A 237 -15.13 -0.47 15.74
CA LEU A 237 -14.78 -0.73 17.13
C LEU A 237 -16.02 -0.95 18.00
N ARG A 238 -17.06 -0.17 17.75
CA ARG A 238 -18.28 -0.32 18.52
C ARG A 238 -18.89 -1.69 18.30
N VAL A 239 -18.93 -2.14 17.05
CA VAL A 239 -19.60 -3.40 16.77
C VAL A 239 -18.80 -4.59 17.33
N PHE A 240 -17.47 -4.50 17.29
CA PHE A 240 -16.62 -5.53 17.88
C PHE A 240 -16.72 -5.54 19.40
N ALA A 241 -16.81 -4.36 20.02
CA ALA A 241 -16.84 -4.31 21.48
C ALA A 241 -18.14 -4.82 22.06
N PHE A 242 -19.20 -4.78 21.28
CA PHE A 242 -20.54 -4.99 21.81
C PHE A 242 -20.63 -6.24 22.71
N PRO A 243 -20.28 -7.45 22.28
CA PRO A 243 -20.46 -8.62 23.18
C PRO A 243 -19.61 -8.53 24.45
N ALA A 244 -18.54 -7.74 24.45
CA ALA A 244 -17.77 -7.50 25.66
C ALA A 244 -18.42 -6.51 26.62
N LEU A 245 -19.38 -5.68 26.17
CA LEU A 245 -19.93 -4.63 27.00
C LEU A 245 -21.37 -4.92 27.45
N LEU A 246 -21.82 -6.16 27.28
CA LEU A 246 -23.17 -6.54 27.68
C LEU A 246 -23.31 -6.48 29.20
N ASP A 247 -24.51 -6.15 29.64
CA ASP A 247 -24.68 -5.97 31.07
C ASP A 247 -24.68 -7.33 31.73
N LYS A 248 -24.22 -7.39 32.96
CA LYS A 248 -23.96 -8.72 33.49
C LYS A 248 -25.25 -9.53 33.53
N THR A 249 -26.40 -8.90 33.82
CA THR A 249 -27.65 -9.67 33.86
C THR A 249 -27.92 -10.36 32.53
N PHE A 250 -27.97 -9.58 31.45
CA PHE A 250 -28.18 -10.17 30.15
C PHE A 250 -27.14 -11.26 29.84
N LEU A 251 -25.90 -11.07 30.26
CA LEU A 251 -24.96 -12.13 29.89
C LEU A 251 -25.14 -13.38 30.76
N ALA A 252 -25.59 -13.30 32.01
CA ALA A 252 -25.88 -14.55 32.70
C ALA A 252 -27.06 -15.27 32.05
N LEU A 253 -28.05 -14.51 31.61
CA LEU A 253 -29.13 -15.08 30.83
C LEU A 253 -28.57 -15.82 29.62
N LEU A 254 -27.59 -15.22 28.95
CA LEU A 254 -26.98 -15.89 27.81
C LEU A 254 -26.34 -17.21 28.21
N MET A 255 -25.49 -17.20 29.24
CA MET A 255 -24.78 -18.43 29.56
C MET A 255 -25.69 -19.53 30.09
N THR A 256 -26.95 -19.23 30.39
CA THR A 256 -27.92 -20.24 30.78
C THR A 256 -28.85 -20.67 29.65
N GLY A 257 -28.74 -20.09 28.46
CA GLY A 257 -29.57 -20.52 27.35
C GLY A 257 -30.94 -19.91 27.24
N ASP A 258 -31.17 -18.72 27.81
CA ASP A 258 -32.42 -18.02 27.61
C ASP A 258 -32.63 -17.81 26.11
N LEU A 259 -33.76 -18.28 25.59
CA LEU A 259 -33.88 -18.24 24.14
C LEU A 259 -34.17 -16.83 23.68
N GLY A 260 -34.74 -16.01 24.55
CA GLY A 260 -34.93 -14.61 24.20
C GLY A 260 -33.61 -13.89 24.02
N ALA A 261 -32.71 -14.03 25.00
CA ALA A 261 -31.40 -13.42 24.86
C ALA A 261 -30.70 -13.93 23.60
N MET A 262 -30.86 -15.21 23.28
CA MET A 262 -30.13 -15.75 22.12
C MET A 262 -30.67 -15.21 20.81
N ARG A 263 -31.97 -14.94 20.72
CA ARG A 263 -32.47 -14.44 19.46
C ARG A 263 -31.99 -13.03 19.21
N ILE A 264 -31.97 -12.21 20.26
CA ILE A 264 -31.34 -10.90 20.16
C ILE A 264 -29.90 -11.03 19.68
N MET A 265 -29.12 -11.93 20.27
CA MET A 265 -27.73 -11.93 19.81
C MET A 265 -27.64 -12.47 18.39
N ARG A 266 -28.53 -13.37 18.00
CA ARG A 266 -28.57 -13.77 16.60
C ARG A 266 -28.80 -12.57 15.69
N CYS A 267 -29.60 -11.60 16.13
CA CYS A 267 -29.73 -10.38 15.35
C CYS A 267 -28.42 -9.61 15.29
N TYR A 268 -27.73 -9.44 16.43
CA TYR A 268 -26.43 -8.78 16.40
C TYR A 268 -25.48 -9.47 15.42
N TYR A 269 -25.47 -10.81 15.41
CA TYR A 269 -24.60 -11.55 14.49
C TYR A 269 -24.89 -11.17 13.04
N GLN A 270 -26.16 -11.03 12.67
CA GLN A 270 -26.46 -10.62 11.30
C GLN A 270 -25.90 -9.22 11.04
N LEU A 271 -26.03 -8.33 12.01
CA LEU A 271 -25.39 -7.03 11.92
C LEU A 271 -23.88 -7.17 11.67
N LEU A 272 -23.18 -7.97 12.48
CA LEU A 272 -21.71 -8.02 12.41
C LEU A 272 -21.21 -8.78 11.18
N ARG A 273 -21.83 -9.92 10.88
CA ARG A 273 -21.42 -10.67 9.70
C ARG A 273 -21.76 -9.90 8.43
N GLY A 274 -22.83 -9.12 8.46
CA GLY A 274 -23.19 -8.34 7.29
C GLY A 274 -22.23 -7.20 7.05
N PHE A 275 -21.85 -6.49 8.11
CA PHE A 275 -20.87 -5.43 7.95
C PHE A 275 -19.50 -5.99 7.58
N ALA A 276 -19.15 -7.15 8.15
CA ALA A 276 -17.86 -7.76 7.87
C ALA A 276 -17.76 -8.23 6.42
N THR A 277 -18.77 -8.97 5.95
CA THR A 277 -18.68 -9.43 4.57
C THR A 277 -18.70 -8.26 3.60
N GLU A 278 -19.12 -7.06 4.01
CA GLU A 278 -19.15 -5.99 3.03
C GLU A 278 -17.96 -5.01 3.13
N VAL A 279 -17.13 -5.08 4.16
CA VAL A 279 -15.87 -4.30 4.17
C VAL A 279 -14.63 -5.17 4.06
N LYS A 280 -14.80 -6.50 3.97
CA LYS A 280 -13.67 -7.42 4.11
C LYS A 280 -12.62 -7.29 3.02
N ASP A 281 -12.98 -6.72 1.87
CA ASP A 281 -12.05 -6.55 0.75
C ASP A 281 -11.47 -5.15 0.66
N LYS A 282 -11.92 -4.23 1.53
CA LYS A 282 -11.30 -2.93 1.72
C LYS A 282 -10.47 -2.87 3.00
N VAL A 283 -10.87 -3.61 4.03
CA VAL A 283 -10.18 -3.63 5.31
C VAL A 283 -9.34 -4.88 5.38
N TRP A 284 -8.02 -4.72 5.50
CA TRP A 284 -7.12 -5.86 5.29
C TRP A 284 -7.25 -6.89 6.42
N PHE A 285 -7.28 -6.44 7.69
CA PHE A 285 -7.36 -7.36 8.83
C PHE A 285 -8.72 -8.00 8.95
N LEU A 286 -9.65 -7.82 8.01
CA LEU A 286 -10.91 -8.56 8.04
C LEU A 286 -11.04 -9.49 6.85
N GLU A 287 -10.02 -9.55 6.00
CA GLU A 287 -10.05 -10.42 4.85
C GLU A 287 -10.37 -11.85 5.28
N GLY A 288 -11.25 -12.48 4.51
CA GLY A 288 -11.61 -13.87 4.74
C GLY A 288 -12.37 -14.16 6.00
N ILE A 289 -12.73 -13.15 6.79
CA ILE A 289 -13.44 -13.32 8.06
C ILE A 289 -14.71 -14.16 7.88
N THR A 290 -15.29 -14.19 6.67
CA THR A 290 -16.55 -14.92 6.54
C THR A 290 -16.37 -16.43 6.45
N GLN A 291 -15.15 -16.90 6.21
CA GLN A 291 -14.76 -18.31 6.21
C GLN A 291 -14.32 -18.69 7.63
N VAL A 292 -15.04 -18.29 8.66
CA VAL A 292 -14.60 -18.52 10.05
C VAL A 292 -15.76 -18.20 10.97
N LEU A 293 -16.61 -17.32 10.49
CA LEU A 293 -17.90 -16.96 11.07
C LEU A 293 -18.91 -17.42 10.06
N PRO A 294 -19.58 -18.63 10.23
CA PRO A 294 -20.51 -19.22 9.24
C PRO A 294 -21.73 -18.36 8.96
N GLN A 295 -22.41 -18.60 7.82
CA GLN A 295 -23.61 -17.82 7.55
C GLN A 295 -24.75 -18.27 8.44
N ASP A 296 -25.10 -19.55 8.40
CA ASP A 296 -26.07 -20.10 9.36
C ASP A 296 -25.29 -20.50 10.61
N VAL A 297 -25.55 -19.80 11.71
CA VAL A 297 -24.72 -20.05 12.87
C VAL A 297 -24.98 -21.43 13.44
N ASP A 298 -26.06 -22.07 13.02
CA ASP A 298 -26.24 -23.47 13.33
C ASP A 298 -25.29 -24.38 12.55
N ASP A 299 -24.41 -23.86 11.71
CA ASP A 299 -23.47 -24.81 11.13
C ASP A 299 -22.10 -24.77 11.80
N TYR A 300 -21.93 -23.97 12.85
CA TYR A 300 -20.75 -24.06 13.70
C TYR A 300 -20.61 -25.48 14.26
N SER A 301 -19.49 -25.73 14.95
CA SER A 301 -19.25 -27.09 15.41
C SER A 301 -20.36 -27.62 16.29
N GLY A 302 -20.60 -27.13 17.50
CA GLY A 302 -21.68 -27.74 18.25
C GLY A 302 -23.02 -27.04 18.13
N GLY A 303 -23.30 -26.47 16.96
CA GLY A 303 -24.47 -25.65 16.77
C GLY A 303 -24.30 -24.24 17.33
N GLY A 304 -25.34 -23.42 17.10
CA GLY A 304 -25.25 -22.03 17.51
C GLY A 304 -25.05 -21.86 18.99
N MET A 305 -25.61 -22.78 19.79
CA MET A 305 -25.41 -22.72 21.23
C MET A 305 -23.94 -22.80 21.58
N HIS A 306 -23.19 -23.68 20.91
CA HIS A 306 -21.78 -23.80 21.22
C HIS A 306 -21.02 -22.61 20.69
N MET A 307 -21.42 -22.07 19.53
CA MET A 307 -20.69 -20.95 18.97
C MET A 307 -20.77 -19.74 19.87
N MET A 308 -21.94 -19.53 20.47
CA MET A 308 -22.09 -18.48 21.45
C MET A 308 -21.13 -18.71 22.60
N LEU A 309 -21.13 -19.89 23.18
CA LEU A 309 -20.41 -20.01 24.44
C LEU A 309 -18.89 -20.12 24.24
N ASP A 310 -18.39 -20.73 23.16
CA ASP A 310 -16.94 -20.65 22.94
C ASP A 310 -16.43 -19.20 22.76
N PHE A 311 -17.32 -18.21 22.63
CA PHE A 311 -16.92 -16.82 22.39
C PHE A 311 -17.08 -15.88 23.63
N LEU A 312 -17.54 -16.36 24.79
CA LEU A 312 -17.75 -15.53 26.00
C LEU A 312 -16.81 -15.99 27.12
N GLY A 313 -16.95 -15.49 28.35
CA GLY A 313 -15.97 -15.82 29.39
C GLY A 313 -16.21 -15.91 30.90
N GLY A 314 -17.19 -16.63 31.48
CA GLY A 314 -17.32 -16.68 32.95
C GLY A 314 -18.67 -16.30 33.57
N GLY A 315 -19.38 -17.27 34.17
CA GLY A 315 -20.71 -17.10 34.76
C GLY A 315 -20.83 -16.03 35.84
N LEU A 316 -21.57 -14.95 35.54
CA LEU A 316 -21.66 -13.75 36.39
C LEU A 316 -22.37 -14.02 37.72
N PRO A 317 -21.87 -13.43 38.82
CA PRO A 317 -22.51 -13.54 40.14
C PRO A 317 -23.61 -12.51 40.31
N THR B 31 15.43 -8.18 23.83
CA THR B 31 15.01 -7.86 25.18
C THR B 31 13.81 -6.93 25.21
N LEU B 32 13.39 -6.47 24.03
CA LEU B 32 12.50 -5.30 23.88
C LEU B 32 13.04 -3.95 24.36
N ASN B 33 13.31 -3.03 23.45
CA ASN B 33 13.94 -1.77 23.89
C ASN B 33 13.08 -0.54 23.66
N LEU B 34 12.35 -0.09 24.70
CA LEU B 34 11.45 1.06 24.51
C LEU B 34 12.24 2.37 24.36
N ILE B 35 13.47 2.43 24.86
CA ILE B 35 14.25 3.67 24.78
C ILE B 35 14.57 4.03 23.33
N ASP B 36 15.23 3.12 22.59
CA ASP B 36 15.47 3.45 21.18
C ASP B 36 14.16 3.64 20.44
N LEU B 37 13.13 2.90 20.82
CA LEU B 37 11.83 3.03 20.17
C LEU B 37 11.29 4.43 20.38
N LYS B 38 11.35 4.91 21.62
CA LYS B 38 11.01 6.31 21.90
C LYS B 38 11.90 7.27 21.11
N LEU B 39 13.23 7.07 21.14
CA LEU B 39 14.13 7.98 20.44
C LEU B 39 13.87 8.00 18.94
N PHE B 40 13.61 6.85 18.33
CA PHE B 40 13.35 6.83 16.89
C PHE B 40 11.99 7.46 16.56
N HIS B 41 10.95 7.16 17.35
CA HIS B 41 9.66 7.84 17.16
C HIS B 41 9.83 9.35 17.29
N HIS B 42 10.61 9.79 18.27
CA HIS B 42 10.89 11.22 18.40
C HIS B 42 11.53 11.78 17.13
N TYR B 43 12.41 11.00 16.49
CA TYR B 43 13.03 11.51 15.26
C TYR B 43 12.00 11.73 14.16
N CYS B 44 11.20 10.70 13.86
CA CYS B 44 10.28 10.91 12.75
C CYS B 44 9.08 11.77 13.13
N THR B 45 8.97 12.21 14.38
CA THR B 45 7.89 13.11 14.73
C THR B 45 8.37 14.53 15.01
N GLU B 46 9.33 14.72 15.90
CA GLU B 46 9.73 16.05 16.35
C GLU B 46 11.06 16.57 15.79
N VAL B 47 12.00 15.69 15.43
CA VAL B 47 13.35 16.15 15.06
C VAL B 47 13.45 16.47 13.58
N TRP B 48 13.00 15.60 12.68
CA TRP B 48 13.17 15.95 11.26
C TRP B 48 12.56 17.31 10.91
N PRO B 49 11.40 17.73 11.42
CA PRO B 49 10.95 19.10 11.08
C PRO B 49 11.90 20.16 11.59
N THR B 50 12.63 19.85 12.66
CA THR B 50 13.70 20.67 13.20
C THR B 50 14.76 20.94 12.14
N ILE B 51 14.98 19.96 11.28
CA ILE B 51 16.02 20.05 10.27
C ILE B 51 15.51 20.88 9.10
N THR B 52 14.26 20.67 8.70
CA THR B 52 13.74 21.31 7.51
C THR B 52 13.48 22.81 7.71
N SER B 53 13.15 23.24 8.93
CA SER B 53 12.84 24.64 9.17
C SER B 53 14.07 25.47 9.51
N ALA B 54 15.24 24.85 9.65
CA ALA B 54 16.48 25.59 9.68
C ALA B 54 16.89 26.07 8.29
N GLY B 55 16.28 25.53 7.23
CA GLY B 55 16.51 26.03 5.88
C GLY B 55 16.85 24.93 4.90
N ILE B 56 16.97 23.72 5.44
CA ILE B 56 17.31 22.59 4.61
C ILE B 56 16.10 22.18 3.79
N SER B 57 16.33 21.65 2.60
CA SER B 57 15.21 21.21 1.80
C SER B 57 15.29 19.70 1.65
N GLY B 58 14.51 19.17 0.71
CA GLY B 58 14.39 17.73 0.57
C GLY B 58 13.69 17.13 1.77
N GLU B 59 12.44 17.56 2.00
CA GLU B 59 11.72 17.15 3.21
C GLU B 59 11.60 15.63 3.31
N ARG B 60 11.34 14.95 2.20
CA ARG B 60 11.16 13.51 2.32
C ARG B 60 12.47 12.75 2.49
N ILE B 61 13.60 13.43 2.23
CA ILE B 61 14.93 12.98 2.65
C ILE B 61 14.94 12.67 4.14
N TRP B 62 14.60 13.69 4.92
CA TRP B 62 14.70 13.66 6.38
C TRP B 62 13.52 12.91 6.99
N SER B 63 12.34 13.05 6.37
CA SER B 63 11.05 12.51 6.77
C SER B 63 10.99 10.98 6.67
N ASP B 64 11.20 10.49 5.45
CA ASP B 64 11.18 9.02 5.37
C ASP B 64 12.40 8.47 4.70
N GLU B 65 13.09 9.07 3.71
CA GLU B 65 14.18 8.33 3.10
C GLU B 65 15.32 7.98 4.09
N ILE B 66 15.73 8.94 4.94
CA ILE B 66 16.77 8.63 5.94
C ILE B 66 16.34 7.57 6.95
N PRO B 67 15.12 7.60 7.52
CA PRO B 67 14.71 6.48 8.40
C PRO B 67 14.78 5.11 7.77
N GLN B 68 14.38 4.95 6.51
CA GLN B 68 14.48 3.60 5.97
C GLN B 68 15.93 3.26 5.65
N LEU B 69 16.73 4.24 5.21
CA LEU B 69 18.16 4.00 5.08
C LEU B 69 18.77 3.49 6.38
N ALA B 70 18.30 3.97 7.53
CA ALA B 70 18.86 3.53 8.79
C ALA B 70 18.58 2.06 9.10
N PHE B 71 17.54 1.45 8.52
CA PHE B 71 17.29 0.02 8.77
C PHE B 71 18.31 -0.87 8.07
N ASP B 72 18.88 -0.39 6.97
CA ASP B 72 19.92 -1.12 6.27
C ASP B 72 21.33 -0.82 6.76
N TYR B 73 21.57 0.34 7.39
CA TYR B 73 22.92 0.71 7.82
C TYR B 73 22.94 1.08 9.29
N PRO B 74 23.40 0.19 10.17
CA PRO B 74 23.40 0.50 11.62
C PRO B 74 24.02 1.84 11.98
N PHE B 75 25.15 2.21 11.34
CA PHE B 75 25.83 3.43 11.74
C PHE B 75 24.92 4.66 11.59
N LEU B 76 24.05 4.67 10.58
CA LEU B 76 23.08 5.75 10.44
C LEU B 76 22.02 5.69 11.55
N MET B 77 21.58 4.48 11.91
CA MET B 77 20.56 4.37 12.95
C MET B 77 21.08 4.94 14.26
N HIS B 78 22.30 4.57 14.64
CA HIS B 78 22.93 5.12 15.83
C HIS B 78 23.07 6.64 15.74
N ALA B 79 23.38 7.16 14.55
CA ALA B 79 23.55 8.60 14.42
C ALA B 79 22.22 9.32 14.53
N LEU B 80 21.18 8.79 13.89
CA LEU B 80 19.81 9.26 14.12
C LEU B 80 19.45 9.21 15.60
N LEU B 81 19.67 8.07 16.24
CA LEU B 81 19.26 7.90 17.63
C LEU B 81 19.96 8.91 18.55
N ALA B 82 21.25 9.13 18.34
CA ALA B 82 22.00 10.04 19.21
C ALA B 82 21.48 11.48 19.08
N PHE B 83 21.39 11.97 17.85
CA PHE B 83 20.80 13.28 17.59
C PHE B 83 19.41 13.38 18.20
N SER B 84 18.63 12.31 18.14
CA SER B 84 17.29 12.31 18.72
C SER B 84 17.37 12.49 20.22
N ALA B 85 18.20 11.68 20.89
CA ALA B 85 18.35 11.82 22.34
C ALA B 85 18.86 13.20 22.70
N THR B 86 19.79 13.74 21.91
CA THR B 86 20.32 15.07 22.17
C THR B 86 19.21 16.11 22.15
N HIS B 87 18.33 16.03 21.16
CA HIS B 87 17.23 16.99 21.07
C HIS B 87 16.20 16.77 22.17
N LEU B 88 15.91 15.52 22.52
CA LEU B 88 14.91 15.29 23.56
C LEU B 88 15.43 15.65 24.94
N ALA B 89 16.73 15.43 25.19
CA ALA B 89 17.31 15.67 26.51
C ALA B 89 17.18 17.12 26.92
N ARG B 90 16.55 17.93 26.07
CA ARG B 90 16.23 19.31 26.42
C ARG B 90 15.04 19.43 27.37
N LYS B 91 14.14 18.44 27.40
CA LYS B 91 12.96 18.50 28.27
C LYS B 91 12.77 17.27 29.15
N GLU B 92 13.65 16.29 29.06
CA GLU B 92 13.71 15.16 29.98
C GLU B 92 15.15 14.98 30.42
N PRO B 93 15.38 14.83 31.73
CA PRO B 93 16.61 14.21 32.25
C PRO B 93 16.70 12.69 32.04
N GLY B 94 17.78 12.07 32.57
CA GLY B 94 18.22 10.82 32.00
C GLY B 94 18.55 11.17 30.55
N LEU B 95 18.71 10.14 29.75
CA LEU B 95 18.98 10.31 28.33
C LEU B 95 20.39 10.81 27.95
N GLU B 96 21.09 11.57 28.81
CA GLU B 96 22.42 12.01 28.39
C GLU B 96 23.40 10.87 28.43
N GLN B 97 23.10 9.78 29.14
CA GLN B 97 23.97 8.63 28.90
C GLN B 97 23.58 7.88 27.63
N TYR B 98 22.42 8.18 27.04
CA TYR B 98 22.07 7.58 25.76
C TYR B 98 22.62 8.36 24.58
N VAL B 99 22.97 9.64 24.77
CA VAL B 99 23.67 10.35 23.71
C VAL B 99 25.07 9.79 23.53
N ALA B 100 25.71 9.41 24.64
CA ALA B 100 27.10 8.99 24.57
C ALA B 100 27.24 7.61 23.94
N SER B 101 26.37 6.66 24.33
CA SER B 101 26.42 5.29 23.84
C SER B 101 26.28 5.23 22.33
N HIS B 102 25.24 5.89 21.83
CA HIS B 102 24.87 5.77 20.42
C HIS B 102 25.87 6.45 19.53
N ARG B 103 26.50 7.52 19.98
CA ARG B 103 27.46 8.15 19.09
C ARG B 103 28.76 7.35 19.04
N LEU B 104 29.27 6.90 20.18
CA LEU B 104 30.45 6.04 20.12
C LEU B 104 30.20 4.87 19.19
N ASP B 105 29.05 4.23 19.32
CA ASP B 105 28.72 3.16 18.40
C ASP B 105 28.61 3.67 16.98
N ALA B 106 28.18 4.92 16.78
CA ALA B 106 28.04 5.43 15.43
C ALA B 106 29.41 5.68 14.79
N LEU B 107 30.34 6.27 15.54
CA LEU B 107 31.66 6.54 14.97
C LEU B 107 32.43 5.25 14.73
N ARG B 108 32.35 4.29 15.67
CA ARG B 108 33.02 2.99 15.51
C ARG B 108 32.62 2.34 14.19
N LEU B 109 31.32 2.18 13.97
CA LEU B 109 30.85 1.60 12.72
C LEU B 109 31.04 2.56 11.57
N LEU B 110 31.12 3.87 11.84
CA LEU B 110 31.35 4.73 10.70
C LEU B 110 32.72 4.44 10.12
N ARG B 111 33.79 4.71 10.86
CA ARG B 111 35.09 4.65 10.19
C ARG B 111 35.48 3.28 9.67
N LYS B 112 34.74 2.22 9.99
CA LYS B 112 34.99 1.13 9.08
C LYS B 112 34.05 1.20 7.90
N ALA B 113 32.75 1.52 8.06
CA ALA B 113 31.96 1.71 6.85
C ALA B 113 32.63 2.69 5.90
N VAL B 114 33.40 3.63 6.46
CA VAL B 114 34.17 4.67 5.79
C VAL B 114 35.31 4.11 4.97
N LEU B 115 35.61 2.84 5.17
CA LEU B 115 36.65 2.27 4.33
C LEU B 115 36.06 1.50 3.16
N GLU B 116 34.97 0.76 3.37
CA GLU B 116 34.38 0.17 2.17
C GLU B 116 33.33 1.06 1.55
N ILE B 117 33.66 2.31 1.29
CA ILE B 117 32.65 3.19 0.74
C ILE B 117 32.33 2.75 -0.68
N SER B 118 31.04 2.67 -0.95
CA SER B 118 30.32 1.92 -1.96
C SER B 118 29.35 2.92 -2.58
N GLU B 119 28.77 2.63 -3.74
CA GLU B 119 27.64 3.50 -3.99
C GLU B 119 26.37 3.01 -3.29
N ASP B 120 26.34 1.84 -2.66
CA ASP B 120 25.07 1.64 -1.97
C ASP B 120 25.02 2.35 -0.63
N ASN B 121 26.16 2.71 -0.05
CA ASN B 121 26.15 3.28 1.28
C ASN B 121 26.70 4.72 1.37
N THR B 122 26.81 5.47 0.26
CA THR B 122 27.35 6.83 0.40
C THR B 122 26.30 7.79 0.96
N ASP B 123 25.07 7.71 0.46
CA ASP B 123 24.00 8.54 0.98
C ASP B 123 23.78 8.29 2.46
N ALA B 124 23.81 7.02 2.87
CA ALA B 124 23.77 6.71 4.30
C ALA B 124 24.98 7.31 5.01
N LEU B 125 26.14 7.38 4.33
CA LEU B 125 27.31 7.95 5.00
C LEU B 125 27.23 9.48 5.10
N VAL B 126 26.69 10.15 4.08
CA VAL B 126 26.53 11.60 4.14
C VAL B 126 25.50 11.99 5.21
N ALA B 127 24.35 11.28 5.23
CA ALA B 127 23.31 11.63 6.19
C ALA B 127 23.81 11.49 7.63
N SER B 128 24.55 10.40 7.92
CA SER B 128 25.18 10.20 9.23
C SER B 128 26.14 11.33 9.57
N ALA B 129 26.93 11.76 8.60
CA ALA B 129 27.86 12.85 8.86
C ALA B 129 27.09 14.15 9.13
N LEU B 130 26.04 14.41 8.36
CA LEU B 130 25.26 15.62 8.61
C LEU B 130 24.57 15.57 9.97
N ILE B 131 24.01 14.42 10.34
CA ILE B 131 23.38 14.26 11.65
C ILE B 131 24.43 14.45 12.75
N LEU B 132 25.59 13.82 12.58
CA LEU B 132 26.64 13.91 13.59
C LEU B 132 27.15 15.33 13.73
N ILE B 133 27.22 16.07 12.62
CA ILE B 133 27.61 17.47 12.65
C ILE B 133 26.60 18.30 13.45
N MET B 134 25.30 18.17 13.15
CA MET B 134 24.27 18.89 13.90
C MET B 134 24.29 18.48 15.37
N ASP B 135 24.44 17.18 15.64
CA ASP B 135 24.56 16.74 17.02
C ASP B 135 25.78 17.33 17.72
N SER B 136 26.94 17.40 17.04
CA SER B 136 28.12 17.88 17.76
C SER B 136 28.01 19.37 18.02
N LEU B 137 27.45 20.07 17.04
CA LEU B 137 27.16 21.50 17.07
C LEU B 137 26.21 21.87 18.17
N ALA B 138 25.44 20.91 18.62
CA ALA B 138 24.47 21.20 19.65
C ALA B 138 25.04 21.00 21.04
N ASN B 139 26.30 20.62 21.15
CA ASN B 139 26.89 20.56 22.47
C ASN B 139 28.12 21.47 22.50
N ALA B 140 28.34 22.11 23.64
CA ALA B 140 29.33 23.17 23.79
C ALA B 140 29.71 23.36 25.25
N SER B 147 37.18 20.02 24.81
CA SER B 147 37.54 20.14 23.41
C SER B 147 36.78 19.14 22.57
N ALA B 148 35.77 18.47 23.08
CA ALA B 148 35.43 17.25 22.34
C ALA B 148 34.54 17.53 21.13
N TRP B 149 33.75 18.61 21.17
CA TRP B 149 32.82 18.88 20.07
C TRP B 149 33.60 19.00 18.75
N ILE B 150 34.74 19.71 18.79
CA ILE B 150 35.63 19.91 17.64
C ILE B 150 36.09 18.56 17.08
N PHE B 151 36.40 17.65 17.99
CA PHE B 151 36.94 16.33 17.62
C PHE B 151 35.89 15.49 16.90
N HIS B 152 34.63 15.59 17.32
CA HIS B 152 33.60 14.84 16.59
C HIS B 152 33.23 15.54 15.30
N VAL B 153 33.19 16.87 15.34
CA VAL B 153 32.93 17.65 14.13
C VAL B 153 33.92 17.26 13.06
N LYS B 154 35.21 17.35 13.40
CA LYS B 154 36.28 17.04 12.47
C LYS B 154 36.12 15.63 11.94
N GLY B 155 35.92 14.67 12.85
CA GLY B 155 35.73 13.28 12.44
C GLY B 155 34.53 13.12 11.53
N ALA B 156 33.36 13.61 11.96
CA ALA B 156 32.18 13.62 11.12
C ALA B 156 32.46 14.25 9.76
N ALA B 157 33.15 15.40 9.73
CA ALA B 157 33.35 16.07 8.45
C ALA B 157 34.40 15.37 7.58
N THR B 158 35.20 14.48 8.17
CA THR B 158 36.08 13.68 7.33
C THR B 158 35.29 12.74 6.44
N ILE B 159 34.08 12.34 6.86
CA ILE B 159 33.28 11.46 6.03
C ILE B 159 32.81 12.18 4.77
N LEU B 160 32.45 13.46 4.90
CA LEU B 160 32.08 14.25 3.72
C LEU B 160 33.24 14.34 2.73
N THR B 161 34.44 14.60 3.23
CA THR B 161 35.57 14.72 2.33
C THR B 161 35.84 13.40 1.61
N ALA B 162 35.79 12.26 2.34
CA ALA B 162 36.14 10.97 1.74
C ALA B 162 35.11 10.47 0.73
N VAL B 163 33.93 11.08 0.71
CA VAL B 163 32.86 10.73 -0.21
C VAL B 163 32.77 11.72 -1.35
N TRP B 164 33.42 12.89 -1.21
CA TRP B 164 33.40 13.96 -2.19
C TRP B 164 34.26 13.57 -3.41
N PRO B 165 33.77 13.72 -4.66
CA PRO B 165 32.46 14.23 -5.06
C PRO B 165 31.36 13.18 -5.11
N LEU B 166 30.12 13.65 -5.15
CA LEU B 166 28.97 12.78 -5.22
C LEU B 166 28.45 12.71 -6.65
N THR B 167 28.06 11.53 -7.08
CA THR B 167 27.32 11.45 -8.32
C THR B 167 26.05 12.29 -8.18
N GLU B 168 25.46 12.68 -9.30
CA GLU B 168 24.28 13.47 -9.03
C GLU B 168 23.02 12.61 -8.85
N LYS B 169 23.15 11.29 -8.82
CA LYS B 169 22.18 10.35 -8.30
C LYS B 169 21.97 10.50 -6.79
N SER B 170 22.94 11.12 -6.12
CA SER B 170 22.85 11.26 -4.68
C SER B 170 21.71 12.21 -4.31
N ARG B 171 20.81 11.76 -3.44
CA ARG B 171 19.80 12.65 -2.88
C ARG B 171 20.41 13.92 -2.28
N PHE B 172 21.70 13.89 -2.00
CA PHE B 172 22.33 14.90 -1.15
C PHE B 172 23.18 15.89 -1.92
N HIS B 173 23.16 15.82 -3.25
CA HIS B 173 24.16 16.55 -4.04
C HIS B 173 23.93 18.06 -4.05
N ASN B 174 22.69 18.53 -4.24
CA ASN B 174 22.62 20.00 -4.26
C ASN B 174 22.33 20.56 -2.88
N LEU B 175 22.18 19.70 -1.89
CA LEU B 175 22.04 20.30 -0.56
C LEU B 175 23.39 20.63 0.08
N ILE B 176 24.48 19.93 -0.21
CA ILE B 176 25.72 20.31 0.48
C ILE B 176 26.70 21.15 -0.35
N SER B 177 26.48 21.31 -1.64
CA SER B 177 27.50 22.07 -2.40
C SER B 177 26.80 23.10 -3.31
N VAL B 178 27.59 23.93 -3.99
CA VAL B 178 27.02 25.00 -4.81
C VAL B 178 27.35 24.75 -6.30
N ASP B 179 26.49 25.30 -7.18
CA ASP B 179 26.57 25.19 -8.65
C ASP B 179 27.82 25.90 -9.13
N LEU B 180 28.80 25.16 -9.62
CA LEU B 180 29.99 25.80 -10.12
C LEU B 180 30.13 25.37 -11.55
N SER B 181 29.44 26.06 -12.44
CA SER B 181 29.31 25.75 -13.84
C SER B 181 29.14 27.06 -14.56
N ASP B 182 30.02 28.03 -14.61
CA ASP B 182 29.75 29.36 -15.16
C ASP B 182 31.07 30.08 -15.19
N LEU B 183 31.04 31.37 -14.85
CA LEU B 183 32.21 32.25 -14.67
C LEU B 183 31.81 33.55 -13.96
N VAL B 198 32.80 40.19 -1.15
CA VAL B 198 34.00 40.81 -0.55
C VAL B 198 33.90 40.65 0.99
N CYS B 199 35.02 40.62 1.73
CA CYS B 199 34.96 40.60 3.20
C CYS B 199 35.29 41.98 3.80
N PHE B 200 34.25 42.68 4.24
CA PHE B 200 34.43 44.01 4.81
C PHE B 200 35.49 43.99 5.91
N ASP B 201 35.39 43.21 7.01
CA ASP B 201 36.49 43.31 7.98
C ASP B 201 37.88 43.09 7.34
N GLU B 202 38.09 42.00 6.62
CA GLU B 202 39.44 41.75 6.08
C GLU B 202 39.35 41.53 4.57
N SER B 203 39.22 42.62 3.79
CA SER B 203 39.12 42.57 2.32
C SER B 203 40.07 41.54 1.71
N ILE B 204 39.54 40.71 0.81
CA ILE B 204 40.42 39.79 0.02
C ILE B 204 40.45 40.32 -1.40
N ALA B 205 40.37 41.64 -1.55
CA ALA B 205 40.38 42.24 -2.88
C ALA B 205 41.76 42.25 -3.51
N ASP B 206 42.80 42.29 -2.71
CA ASP B 206 44.13 42.32 -3.32
C ASP B 206 44.42 40.92 -3.88
N LEU B 207 43.38 40.09 -3.99
CA LEU B 207 43.50 38.74 -4.56
C LEU B 207 42.90 38.64 -5.96
N TYR B 208 41.97 39.51 -6.33
CA TYR B 208 41.43 39.53 -7.69
C TYR B 208 42.18 40.59 -8.50
N PRO B 209 42.62 40.32 -9.74
CA PRO B 209 42.30 39.10 -10.48
C PRO B 209 43.28 37.96 -10.29
N VAL B 210 42.63 36.97 -9.65
CA VAL B 210 42.50 35.56 -9.98
C VAL B 210 42.84 35.30 -11.43
N GLU B 211 43.89 34.59 -11.60
CA GLU B 211 44.06 34.12 -12.95
C GLU B 211 44.00 32.61 -12.92
N ILE B 212 43.78 32.10 -14.12
CA ILE B 212 43.23 30.75 -14.27
C ILE B 212 44.06 29.74 -13.52
N ASP B 213 45.34 29.97 -13.38
CA ASP B 213 46.14 28.94 -12.72
C ASP B 213 46.39 29.27 -11.26
N SER B 214 45.60 30.18 -10.70
CA SER B 214 45.74 30.53 -9.31
C SER B 214 45.28 29.34 -8.47
N PRO B 215 45.97 29.04 -7.39
CA PRO B 215 45.46 28.02 -6.49
C PRO B 215 44.31 28.55 -5.64
N TYR B 216 43.92 29.82 -5.81
CA TYR B 216 42.77 30.37 -5.12
C TYR B 216 41.48 30.33 -5.94
N LEU B 217 41.57 29.95 -7.22
CA LEU B 217 40.44 30.16 -8.13
C LEU B 217 39.21 29.42 -7.64
N ILE B 218 39.32 28.10 -7.49
CA ILE B 218 38.18 27.30 -7.10
C ILE B 218 37.59 27.79 -5.78
N THR B 219 38.44 28.03 -4.77
CA THR B 219 37.92 28.39 -3.44
C THR B 219 37.28 29.77 -3.46
N LEU B 220 37.91 30.74 -4.13
CA LEU B 220 37.28 32.06 -4.24
C LEU B 220 35.95 31.99 -4.99
N ALA B 221 35.88 31.24 -6.11
CA ALA B 221 34.60 31.05 -6.79
C ALA B 221 33.55 30.43 -5.87
N TYR B 222 33.87 29.25 -5.32
CA TYR B 222 33.03 28.58 -4.34
C TYR B 222 32.54 29.55 -3.26
N LEU B 223 33.49 30.21 -2.60
CA LEU B 223 33.12 31.15 -1.55
C LEU B 223 32.25 32.27 -2.10
N ASP B 224 32.52 32.72 -3.34
CA ASP B 224 31.68 33.77 -3.92
C ASP B 224 30.27 33.27 -4.17
N LYS B 225 30.13 32.09 -4.78
CA LYS B 225 28.79 31.54 -4.96
C LYS B 225 28.13 31.25 -3.63
N LEU B 226 28.90 30.91 -2.61
CA LEU B 226 28.28 30.60 -1.33
C LEU B 226 27.67 31.83 -0.71
N HIS B 227 28.26 33.00 -0.90
CA HIS B 227 27.59 34.15 -0.33
C HIS B 227 26.32 34.52 -1.09
N ARG B 228 26.20 34.21 -2.36
CA ARG B 228 24.94 34.74 -2.88
C ARG B 228 23.79 33.75 -2.80
N GLU B 229 24.01 32.48 -2.43
CA GLU B 229 22.88 31.69 -1.95
C GLU B 229 22.76 31.73 -0.43
N LYS B 230 23.34 32.75 0.20
CA LYS B 230 23.14 33.00 1.62
C LYS B 230 21.68 32.90 2.01
N ASN B 231 20.76 32.96 1.04
CA ASN B 231 19.35 32.91 1.31
C ASN B 231 18.59 31.79 0.60
N GLN B 232 19.19 31.14 -0.41
CA GLN B 232 18.52 29.98 -0.96
C GLN B 232 18.50 28.85 0.07
N SER B 233 17.69 27.82 -0.21
CA SER B 233 17.54 26.61 0.56
C SER B 233 18.89 25.97 0.87
N ASP B 234 19.00 25.14 1.90
CA ASP B 234 20.15 24.28 2.17
C ASP B 234 21.44 25.08 2.37
N PHE B 235 21.34 26.34 2.76
CA PHE B 235 22.53 27.12 3.02
C PHE B 235 23.28 26.66 4.26
N ILE B 236 22.58 26.16 5.29
CA ILE B 236 23.24 25.62 6.49
C ILE B 236 24.24 24.54 6.12
N LEU B 237 23.77 23.59 5.32
CA LEU B 237 24.60 22.45 4.99
C LEU B 237 25.75 22.88 4.10
N ARG B 238 25.50 23.86 3.22
CA ARG B 238 26.55 24.25 2.29
C ARG B 238 27.63 25.05 2.99
N VAL B 239 27.26 25.87 3.96
CA VAL B 239 28.38 26.55 4.59
C VAL B 239 29.03 25.66 5.64
N PHE B 240 28.31 24.75 6.28
CA PHE B 240 29.03 23.77 7.09
C PHE B 240 29.94 22.86 6.27
N ALA B 241 29.56 22.50 5.04
CA ALA B 241 30.29 21.47 4.30
C ALA B 241 31.53 22.00 3.60
N PHE B 242 31.65 23.32 3.49
CA PHE B 242 32.66 24.08 2.76
C PHE B 242 34.10 23.68 3.13
N PRO B 243 34.51 23.75 4.40
CA PRO B 243 35.91 23.39 4.68
C PRO B 243 36.19 21.92 4.39
N ALA B 244 35.17 21.06 4.47
CA ALA B 244 35.33 19.65 4.13
C ALA B 244 35.41 19.39 2.63
N LEU B 245 34.93 20.31 1.77
CA LEU B 245 35.01 20.09 0.33
C LEU B 245 36.06 20.95 -0.36
N LEU B 246 37.03 21.49 0.37
CA LEU B 246 38.09 22.24 -0.29
C LEU B 246 38.88 21.32 -1.22
N ASP B 247 39.32 21.85 -2.35
CA ASP B 247 40.20 21.06 -3.21
C ASP B 247 41.56 20.85 -2.54
N LYS B 248 42.19 19.74 -2.93
CA LYS B 248 43.41 19.18 -2.35
C LYS B 248 44.58 20.15 -2.37
N THR B 249 44.67 20.92 -3.45
CA THR B 249 45.81 21.80 -3.51
C THR B 249 45.60 22.96 -2.55
N PHE B 250 44.47 23.68 -2.61
CA PHE B 250 44.23 24.72 -1.60
C PHE B 250 44.45 24.20 -0.18
N LEU B 251 43.95 23.01 0.11
CA LEU B 251 44.09 22.44 1.45
C LEU B 251 45.56 22.24 1.82
N ALA B 252 46.37 21.78 0.87
CA ALA B 252 47.80 21.64 1.13
C ALA B 252 48.44 22.99 1.43
N LEU B 253 48.18 23.97 0.57
CA LEU B 253 48.56 25.37 0.84
C LEU B 253 48.15 25.82 2.25
N LEU B 254 46.92 25.51 2.67
CA LEU B 254 46.43 25.98 3.96
C LEU B 254 47.26 25.45 5.12
N MET B 255 47.46 24.13 5.18
CA MET B 255 48.16 23.50 6.28
C MET B 255 49.67 23.78 6.27
N THR B 256 50.18 24.51 5.30
CA THR B 256 51.53 25.05 5.34
C THR B 256 51.54 26.49 5.85
N GLY B 257 50.37 27.13 5.89
CA GLY B 257 50.25 28.48 6.38
C GLY B 257 50.37 29.55 5.33
N ASP B 258 50.09 29.22 4.06
CA ASP B 258 50.09 30.23 3.00
C ASP B 258 49.23 31.41 3.42
N LEU B 259 49.81 32.60 3.29
CA LEU B 259 49.13 33.79 3.77
C LEU B 259 47.81 33.96 3.02
N GLY B 260 47.86 33.84 1.70
CA GLY B 260 46.67 34.08 0.89
C GLY B 260 45.55 33.13 1.23
N ALA B 261 45.88 31.85 1.45
CA ALA B 261 44.85 30.87 1.79
C ALA B 261 44.24 31.16 3.14
N MET B 262 44.99 31.72 4.07
CA MET B 262 44.42 31.95 5.38
C MET B 262 43.46 33.14 5.38
N ARG B 263 43.83 34.21 4.66
CA ARG B 263 42.97 35.37 4.42
C ARG B 263 41.63 34.98 3.81
N ILE B 264 41.65 34.00 2.92
CA ILE B 264 40.42 33.54 2.30
C ILE B 264 39.57 32.80 3.31
N MET B 265 40.21 31.91 4.09
CA MET B 265 39.48 31.18 5.11
C MET B 265 38.93 32.10 6.20
N ARG B 266 39.66 33.16 6.55
CA ARG B 266 39.10 34.08 7.56
C ARG B 266 37.89 34.82 7.04
N CYS B 267 37.84 35.10 5.74
CA CYS B 267 36.62 35.64 5.17
C CYS B 267 35.50 34.61 5.25
N TYR B 268 35.77 33.36 4.88
CA TYR B 268 34.77 32.31 5.11
C TYR B 268 34.25 32.34 6.55
N TYR B 269 35.16 32.47 7.52
CA TYR B 269 34.80 32.44 8.93
C TYR B 269 33.84 33.58 9.30
N GLN B 270 34.07 34.78 8.78
CA GLN B 270 33.10 35.85 9.01
C GLN B 270 31.71 35.45 8.51
N LEU B 271 31.63 34.83 7.33
CA LEU B 271 30.33 34.37 6.81
C LEU B 271 29.71 33.35 7.74
N LEU B 272 30.46 32.29 8.07
CA LEU B 272 29.93 31.23 8.93
C LEU B 272 29.52 31.79 10.30
N ARG B 273 30.37 32.59 10.94
CA ARG B 273 29.97 33.09 12.26
C ARG B 273 28.84 34.11 12.15
N GLY B 274 28.91 35.00 11.16
CA GLY B 274 27.78 35.86 10.86
C GLY B 274 26.48 35.10 10.75
N PHE B 275 26.44 34.07 9.90
CA PHE B 275 25.21 33.30 9.73
C PHE B 275 24.76 32.68 11.05
N ALA B 276 25.68 32.06 11.78
CA ALA B 276 25.33 31.44 13.05
C ALA B 276 24.82 32.47 14.06
N THR B 277 25.41 33.67 14.06
CA THR B 277 25.02 34.74 14.99
C THR B 277 23.56 35.12 14.83
N GLU B 278 23.03 34.92 13.63
CA GLU B 278 21.80 35.48 13.09
C GLU B 278 20.63 34.50 13.09
N VAL B 279 20.91 33.21 13.31
CA VAL B 279 19.89 32.17 13.37
C VAL B 279 20.02 31.34 14.63
N LYS B 280 20.95 31.72 15.52
CA LYS B 280 21.18 30.98 16.76
C LYS B 280 19.90 30.86 17.57
N ASP B 281 19.03 31.89 17.46
CA ASP B 281 17.75 32.21 18.08
C ASP B 281 16.62 31.26 17.72
N LYS B 282 16.80 30.61 16.58
CA LYS B 282 15.81 29.95 15.74
C LYS B 282 16.11 28.47 15.60
N VAL B 283 17.39 28.17 15.41
CA VAL B 283 17.85 26.83 15.10
C VAL B 283 18.43 26.25 16.38
N TRP B 284 17.75 25.26 16.93
CA TRP B 284 18.07 24.83 18.28
C TRP B 284 19.48 24.26 18.37
N PHE B 285 19.93 23.51 17.35
CA PHE B 285 21.25 22.90 17.44
C PHE B 285 22.38 23.87 17.14
N LEU B 286 22.08 25.13 16.84
CA LEU B 286 23.10 26.16 16.77
C LEU B 286 23.08 27.09 17.98
N GLU B 287 22.37 26.75 19.04
CA GLU B 287 22.28 27.80 20.05
C GLU B 287 23.51 27.76 20.95
N GLY B 288 24.09 28.94 21.03
CA GLY B 288 25.34 29.13 21.72
C GLY B 288 26.52 28.58 20.98
N ILE B 289 26.50 28.56 19.65
CA ILE B 289 27.72 28.12 18.96
C ILE B 289 28.70 29.27 18.91
N THR B 290 28.23 30.50 19.02
CA THR B 290 29.16 31.63 18.97
C THR B 290 29.83 31.92 20.30
N GLN B 291 29.50 31.17 21.36
CA GLN B 291 30.40 31.18 22.52
C GLN B 291 31.63 30.36 22.20
N VAL B 292 31.39 29.26 21.50
CA VAL B 292 32.40 28.28 21.07
C VAL B 292 33.28 28.86 19.97
N LEU B 293 32.66 29.61 19.07
CA LEU B 293 33.37 30.26 17.96
C LEU B 293 33.66 31.70 18.36
N PRO B 294 34.90 32.06 18.70
CA PRO B 294 35.18 33.44 19.11
C PRO B 294 35.04 34.42 17.95
N GLN B 295 34.83 35.69 18.30
CA GLN B 295 34.66 36.69 17.26
C GLN B 295 35.99 37.05 16.61
N ASP B 296 37.00 37.36 17.41
CA ASP B 296 38.36 37.49 16.88
C ASP B 296 38.95 36.09 16.89
N VAL B 297 39.07 35.49 15.70
CA VAL B 297 39.58 34.14 15.75
C VAL B 297 41.01 34.11 16.31
N ASP B 298 41.74 35.23 16.32
CA ASP B 298 42.97 35.31 17.10
C ASP B 298 42.76 35.16 18.63
N ASP B 299 41.52 35.03 19.11
CA ASP B 299 41.20 34.82 20.51
C ASP B 299 41.06 33.35 20.88
N TYR B 300 41.16 32.45 19.91
CA TYR B 300 41.25 31.04 20.19
C TYR B 300 42.54 30.79 21.00
N SER B 301 42.75 29.60 21.50
CA SER B 301 43.93 29.86 22.34
C SER B 301 45.22 29.65 21.60
N GLY B 302 45.50 28.76 20.66
CA GLY B 302 46.82 29.14 20.08
C GLY B 302 46.88 30.42 19.20
N GLY B 303 45.78 31.12 19.05
CA GLY B 303 45.63 32.09 17.99
C GLY B 303 45.02 31.46 16.77
N GLY B 304 44.72 32.32 15.79
CA GLY B 304 44.01 31.87 14.61
C GLY B 304 44.66 30.70 13.92
N MET B 305 45.97 30.55 14.07
CA MET B 305 46.57 29.46 13.32
C MET B 305 46.35 28.10 13.95
N HIS B 306 46.33 28.03 15.27
CA HIS B 306 46.03 26.76 15.91
C HIS B 306 44.55 26.44 15.82
N MET B 307 43.70 27.47 15.77
CA MET B 307 42.30 27.18 15.49
C MET B 307 42.18 26.51 14.13
N MET B 308 42.94 26.98 13.15
CA MET B 308 42.86 26.39 11.82
C MET B 308 43.33 24.94 11.86
N LEU B 309 44.37 24.67 12.65
CA LEU B 309 44.99 23.37 12.69
C LEU B 309 44.13 22.35 13.44
N ASP B 310 43.44 22.79 14.49
CA ASP B 310 42.63 21.87 15.26
C ASP B 310 41.37 21.45 14.54
N PHE B 311 40.99 22.13 13.50
CA PHE B 311 39.81 21.66 12.82
C PHE B 311 40.19 20.95 11.52
N LEU B 312 41.44 21.04 11.11
CA LEU B 312 41.90 20.52 9.82
C LEU B 312 43.05 19.54 9.93
N GLY B 313 43.76 19.51 11.06
CA GLY B 313 44.97 18.73 11.20
C GLY B 313 44.71 17.30 11.65
N GLY B 314 45.73 16.72 12.30
CA GLY B 314 45.66 15.34 12.81
C GLY B 314 45.90 14.29 11.75
N GLY B 315 44.95 13.40 11.54
CA GLY B 315 45.03 12.33 10.55
C GLY B 315 45.44 11.00 11.16
N LEU B 316 45.17 9.93 10.42
CA LEU B 316 45.47 8.53 10.77
C LEU B 316 46.73 8.09 10.05
N LEU C 32 -1.18 -1.77 -28.44
CA LEU C 32 -0.98 -2.06 -27.01
C LEU C 32 -1.27 -0.82 -26.17
N ASN C 33 -2.40 -0.78 -25.48
CA ASN C 33 -2.68 0.44 -24.73
C ASN C 33 -2.76 0.14 -23.25
N LEU C 34 -1.67 0.60 -22.62
CA LEU C 34 -1.24 0.45 -21.23
C LEU C 34 -2.13 1.21 -20.26
N ILE C 35 -2.79 2.25 -20.74
CA ILE C 35 -3.55 3.03 -19.79
C ILE C 35 -4.90 2.38 -19.55
N ASP C 36 -5.60 1.94 -20.60
CA ASP C 36 -6.81 1.17 -20.31
C ASP C 36 -6.49 -0.11 -19.55
N LEU C 37 -5.33 -0.72 -19.77
CA LEU C 37 -5.11 -1.89 -18.94
C LEU C 37 -4.73 -1.48 -17.53
N LYS C 38 -4.04 -0.36 -17.32
CA LYS C 38 -3.84 0.09 -15.94
C LYS C 38 -5.17 0.47 -15.30
N LEU C 39 -6.05 1.12 -16.07
CA LEU C 39 -7.33 1.53 -15.52
C LEU C 39 -8.17 0.32 -15.14
N PHE C 40 -8.18 -0.71 -15.99
CA PHE C 40 -9.01 -1.88 -15.73
C PHE C 40 -8.43 -2.75 -14.60
N HIS C 41 -7.11 -2.93 -14.56
CA HIS C 41 -6.51 -3.57 -13.40
C HIS C 41 -6.87 -2.80 -12.14
N HIS C 42 -6.89 -1.47 -12.23
CA HIS C 42 -7.27 -0.67 -11.08
C HIS C 42 -8.70 -0.96 -10.63
N TYR C 43 -9.60 -1.28 -11.56
CA TYR C 43 -10.95 -1.67 -11.19
C TYR C 43 -10.97 -3.02 -10.48
N CYS C 44 -10.33 -4.04 -11.04
CA CYS C 44 -10.43 -5.37 -10.44
C CYS C 44 -9.60 -5.50 -9.17
N THR C 45 -8.79 -4.50 -8.83
CA THR C 45 -8.08 -4.62 -7.55
C THR C 45 -8.46 -3.57 -6.53
N GLU C 46 -8.65 -2.31 -6.92
CA GLU C 46 -8.89 -1.27 -5.94
C GLU C 46 -10.31 -0.74 -5.90
N VAL C 47 -11.04 -0.77 -7.02
CA VAL C 47 -12.33 -0.08 -7.14
C VAL C 47 -13.49 -0.93 -6.66
N TRP C 48 -13.60 -2.17 -7.15
CA TRP C 48 -14.72 -3.01 -6.72
C TRP C 48 -14.84 -3.16 -5.19
N PRO C 49 -13.72 -3.30 -4.39
CA PRO C 49 -13.67 -3.35 -2.85
C PRO C 49 -14.38 -2.17 -2.23
N THR C 50 -14.32 -1.09 -2.98
CA THR C 50 -14.95 0.18 -2.65
C THR C 50 -16.44 0.20 -2.92
N ILE C 51 -16.92 -0.70 -3.76
CA ILE C 51 -18.35 -0.75 -4.01
C ILE C 51 -18.99 -1.65 -2.98
N THR C 52 -18.43 -2.84 -2.82
CA THR C 52 -19.02 -3.70 -1.82
C THR C 52 -18.90 -3.06 -0.43
N SER C 53 -17.84 -2.30 -0.10
CA SER C 53 -17.72 -1.74 1.26
C SER C 53 -18.71 -0.62 1.58
N ALA C 54 -19.36 -0.03 0.58
CA ALA C 54 -20.37 0.99 0.84
C ALA C 54 -21.72 0.41 1.27
N GLY C 55 -21.89 -0.91 1.24
CA GLY C 55 -23.13 -1.59 1.60
C GLY C 55 -23.72 -2.45 0.49
N ILE C 56 -23.07 -2.47 -0.66
CA ILE C 56 -23.53 -3.22 -1.82
C ILE C 56 -23.12 -4.67 -1.69
N SER C 57 -24.04 -5.57 -2.06
CA SER C 57 -23.97 -7.02 -1.98
C SER C 57 -23.36 -7.62 -3.25
N GLY C 58 -23.28 -8.95 -3.30
CA GLY C 58 -22.98 -9.61 -4.55
C GLY C 58 -21.57 -9.34 -4.99
N GLU C 59 -20.64 -9.67 -4.09
CA GLU C 59 -19.20 -9.48 -4.25
C GLU C 59 -18.69 -9.89 -5.61
N ARG C 60 -19.15 -11.05 -6.07
CA ARG C 60 -18.69 -11.64 -7.32
C ARG C 60 -19.33 -11.00 -8.52
N ILE C 61 -20.45 -10.29 -8.33
CA ILE C 61 -21.00 -9.49 -9.43
C ILE C 61 -20.01 -8.40 -9.81
N TRP C 62 -19.45 -7.71 -8.81
CA TRP C 62 -18.55 -6.59 -9.07
C TRP C 62 -17.11 -7.04 -9.35
N SER C 63 -16.65 -8.10 -8.66
CA SER C 63 -15.26 -8.56 -8.77
C SER C 63 -15.01 -9.34 -10.05
N ASP C 64 -15.98 -10.17 -10.50
CA ASP C 64 -15.77 -10.89 -11.75
C ASP C 64 -16.94 -10.84 -12.73
N GLU C 65 -18.20 -10.90 -12.28
CA GLU C 65 -19.29 -11.01 -13.25
C GLU C 65 -19.41 -9.76 -14.15
N ILE C 66 -19.21 -8.57 -13.60
CA ILE C 66 -19.28 -7.34 -14.38
C ILE C 66 -18.09 -7.18 -15.33
N PRO C 67 -16.85 -7.45 -14.90
CA PRO C 67 -15.75 -7.45 -15.87
C PRO C 67 -15.99 -8.39 -17.03
N GLN C 68 -16.47 -9.61 -16.79
CA GLN C 68 -16.60 -10.48 -17.96
C GLN C 68 -17.75 -10.03 -18.85
N LEU C 69 -18.77 -9.35 -18.30
CA LEU C 69 -19.76 -8.67 -19.14
C LEU C 69 -19.13 -7.56 -19.98
N ALA C 70 -18.14 -6.85 -19.43
CA ALA C 70 -17.53 -5.74 -20.16
C ALA C 70 -16.90 -6.19 -21.48
N PHE C 71 -16.39 -7.43 -21.54
CA PHE C 71 -15.72 -7.91 -22.75
C PHE C 71 -16.71 -8.13 -23.90
N ASP C 72 -17.98 -8.37 -23.60
CA ASP C 72 -19.01 -8.59 -24.61
C ASP C 72 -19.78 -7.32 -24.99
N TYR C 73 -19.71 -6.28 -24.17
CA TYR C 73 -20.47 -5.06 -24.47
C TYR C 73 -19.61 -3.86 -24.17
N PRO C 74 -19.06 -3.27 -25.21
CA PRO C 74 -18.16 -2.12 -25.06
C PRO C 74 -18.71 -1.03 -24.17
N PHE C 75 -20.03 -0.76 -24.18
CA PHE C 75 -20.54 0.36 -23.39
C PHE C 75 -20.27 0.16 -21.90
N LEU C 76 -20.29 -1.08 -21.43
CA LEU C 76 -19.94 -1.32 -20.04
C LEU C 76 -18.46 -1.12 -19.78
N MET C 77 -17.59 -1.59 -20.68
CA MET C 77 -16.15 -1.41 -20.47
C MET C 77 -15.83 0.06 -20.29
N HIS C 78 -16.36 0.89 -21.19
CA HIS C 78 -16.15 2.33 -21.07
C HIS C 78 -16.63 2.86 -19.73
N ALA C 79 -17.86 2.53 -19.34
CA ALA C 79 -18.34 2.97 -18.04
C ALA C 79 -17.42 2.49 -16.94
N LEU C 80 -16.95 1.25 -17.03
CA LEU C 80 -16.06 0.74 -16.01
C LEU C 80 -14.74 1.51 -15.98
N LEU C 81 -14.13 1.78 -17.15
CA LEU C 81 -12.84 2.44 -17.09
C LEU C 81 -12.99 3.91 -16.72
N ALA C 82 -14.10 4.54 -17.13
CA ALA C 82 -14.33 5.92 -16.74
C ALA C 82 -14.48 6.04 -15.23
N PHE C 83 -15.32 5.20 -14.64
CA PHE C 83 -15.40 5.12 -13.17
C PHE C 83 -14.05 4.80 -12.55
N SER C 84 -13.26 3.96 -13.18
CA SER C 84 -12.02 3.71 -12.43
C SER C 84 -11.04 4.84 -12.65
N ALA C 85 -11.00 5.51 -13.80
CA ALA C 85 -10.17 6.69 -13.89
C ALA C 85 -10.54 7.73 -12.85
N THR C 86 -11.85 7.98 -12.70
CA THR C 86 -12.33 8.92 -11.69
C THR C 86 -11.76 8.57 -10.32
N HIS C 87 -11.64 7.28 -10.03
CA HIS C 87 -11.15 6.88 -8.71
C HIS C 87 -9.64 6.97 -8.60
N LEU C 88 -8.92 6.72 -9.70
CA LEU C 88 -7.47 6.81 -9.66
C LEU C 88 -6.99 8.25 -9.78
N ALA C 89 -7.89 9.16 -10.12
CA ALA C 89 -7.60 10.59 -10.24
C ALA C 89 -7.51 11.29 -8.89
N ARG C 90 -7.76 10.57 -7.81
CA ARG C 90 -7.57 11.07 -6.44
C ARG C 90 -6.12 10.98 -6.00
N LYS C 91 -5.29 10.28 -6.75
CA LYS C 91 -3.89 10.13 -6.37
C LYS C 91 -2.93 10.25 -7.53
N GLU C 92 -3.40 10.58 -8.73
CA GLU C 92 -2.49 10.76 -9.85
C GLU C 92 -2.98 11.92 -10.70
N PRO C 93 -2.07 12.74 -11.22
CA PRO C 93 -2.49 13.82 -12.12
C PRO C 93 -2.70 13.25 -13.52
N GLY C 94 -2.90 14.14 -14.48
CA GLY C 94 -3.42 13.46 -15.62
C GLY C 94 -4.75 12.83 -15.25
N LEU C 95 -5.01 11.72 -15.92
CA LEU C 95 -6.27 10.98 -15.93
C LEU C 95 -7.56 11.75 -16.18
N GLU C 96 -7.65 13.04 -15.84
CA GLU C 96 -8.95 13.68 -16.01
C GLU C 96 -9.31 13.86 -17.48
N GLN C 97 -8.37 13.68 -18.42
CA GLN C 97 -8.99 13.64 -19.73
C GLN C 97 -9.35 12.23 -20.16
N TYR C 98 -9.05 11.18 -19.39
CA TYR C 98 -9.62 9.90 -19.74
C TYR C 98 -10.98 9.61 -19.07
N VAL C 99 -11.28 10.26 -17.94
CA VAL C 99 -12.65 10.29 -17.43
C VAL C 99 -13.61 10.73 -18.53
N ALA C 100 -13.28 11.85 -19.18
CA ALA C 100 -14.19 12.43 -20.17
C ALA C 100 -14.33 11.53 -21.38
N SER C 101 -13.21 11.08 -21.96
CA SER C 101 -13.32 10.35 -23.21
C SER C 101 -14.12 9.07 -23.02
N HIS C 102 -13.84 8.31 -21.97
CA HIS C 102 -14.58 7.06 -21.82
C HIS C 102 -16.05 7.31 -21.50
N ARG C 103 -16.34 8.33 -20.69
CA ARG C 103 -17.73 8.60 -20.38
C ARG C 103 -18.52 8.86 -21.64
N LEU C 104 -18.02 9.74 -22.51
CA LEU C 104 -18.78 10.10 -23.70
C LEU C 104 -18.96 8.90 -24.61
N ASP C 105 -17.91 8.09 -24.74
CA ASP C 105 -18.10 6.90 -25.55
C ASP C 105 -19.02 5.91 -24.85
N ALA C 106 -19.04 5.83 -23.51
CA ALA C 106 -20.10 5.05 -22.89
C ALA C 106 -21.49 5.59 -23.23
N LEU C 107 -21.70 6.90 -23.04
CA LEU C 107 -23.03 7.46 -23.27
C LEU C 107 -23.48 7.24 -24.70
N ARG C 108 -22.56 7.34 -25.65
CA ARG C 108 -23.09 7.20 -27.00
C ARG C 108 -23.39 5.75 -27.32
N LEU C 109 -22.57 4.79 -26.90
CA LEU C 109 -22.93 3.40 -27.10
C LEU C 109 -24.19 3.02 -26.32
N LEU C 110 -24.41 3.60 -25.15
CA LEU C 110 -25.58 3.18 -24.37
C LEU C 110 -26.85 3.65 -25.04
N ARG C 111 -26.95 4.94 -25.36
CA ARG C 111 -27.88 5.55 -26.29
C ARG C 111 -28.48 4.61 -27.32
N LYS C 112 -27.61 3.81 -27.87
CA LYS C 112 -28.01 2.88 -28.89
C LYS C 112 -28.40 1.58 -28.26
N ALA C 113 -27.56 1.11 -27.34
CA ALA C 113 -27.87 -0.18 -26.75
C ALA C 113 -29.21 -0.16 -26.02
N VAL C 114 -29.59 0.98 -25.46
CA VAL C 114 -30.86 0.99 -24.73
C VAL C 114 -32.05 0.98 -25.66
N LEU C 115 -31.83 1.05 -26.97
CA LEU C 115 -32.98 0.83 -27.85
C LEU C 115 -33.13 -0.64 -28.21
N GLU C 116 -32.03 -1.35 -28.39
CA GLU C 116 -32.24 -2.79 -28.61
C GLU C 116 -32.20 -3.56 -27.28
N ILE C 117 -32.92 -3.05 -26.28
CA ILE C 117 -32.97 -3.72 -24.99
C ILE C 117 -33.43 -5.18 -25.16
N SER C 118 -32.64 -6.11 -24.57
CA SER C 118 -32.46 -7.54 -24.82
C SER C 118 -32.51 -8.27 -23.50
N GLU C 119 -32.69 -9.60 -23.44
CA GLU C 119 -32.18 -10.10 -22.18
C GLU C 119 -30.73 -10.50 -22.30
N ASP C 120 -30.13 -10.50 -23.48
CA ASP C 120 -28.71 -10.73 -23.24
C ASP C 120 -27.97 -9.48 -22.76
N ASN C 121 -28.56 -8.27 -22.83
CA ASN C 121 -27.83 -7.08 -22.43
C ASN C 121 -28.55 -6.23 -21.38
N THR C 122 -29.53 -6.79 -20.68
CA THR C 122 -30.14 -6.05 -19.58
C THR C 122 -29.14 -5.86 -18.44
N ASP C 123 -28.44 -6.91 -18.02
CA ASP C 123 -27.57 -6.78 -16.86
C ASP C 123 -26.40 -5.85 -17.18
N ALA C 124 -25.90 -5.90 -18.40
CA ALA C 124 -24.84 -4.98 -18.81
C ALA C 124 -25.36 -3.55 -18.80
N LEU C 125 -26.57 -3.33 -19.30
CA LEU C 125 -27.20 -2.02 -19.16
C LEU C 125 -27.29 -1.59 -17.70
N VAL C 126 -27.75 -2.47 -16.82
CA VAL C 126 -27.99 -1.99 -15.46
C VAL C 126 -26.67 -1.72 -14.74
N ALA C 127 -25.64 -2.56 -14.94
CA ALA C 127 -24.37 -2.29 -14.28
C ALA C 127 -23.73 -1.00 -14.79
N SER C 128 -23.84 -0.70 -16.08
CA SER C 128 -23.19 0.56 -16.42
C SER C 128 -24.02 1.75 -15.96
N ALA C 129 -25.36 1.68 -15.89
CA ALA C 129 -26.09 2.77 -15.23
C ALA C 129 -25.59 2.99 -13.81
N LEU C 130 -25.55 1.93 -13.01
CA LEU C 130 -25.10 2.07 -11.64
C LEU C 130 -23.67 2.58 -11.58
N ILE C 131 -22.82 2.13 -12.51
CA ILE C 131 -21.45 2.65 -12.55
C ILE C 131 -21.47 4.13 -12.89
N LEU C 132 -22.25 4.50 -13.90
CA LEU C 132 -22.33 5.88 -14.33
C LEU C 132 -22.92 6.77 -13.24
N ILE C 133 -23.81 6.23 -12.40
CA ILE C 133 -24.40 7.06 -11.34
C ILE C 133 -23.38 7.29 -10.21
N MET C 134 -22.65 6.26 -9.78
CA MET C 134 -21.59 6.50 -8.80
C MET C 134 -20.53 7.44 -9.34
N ASP C 135 -20.24 7.34 -10.64
CA ASP C 135 -19.24 8.19 -11.25
C ASP C 135 -19.71 9.64 -11.34
N SER C 136 -20.98 9.87 -11.64
CA SER C 136 -21.32 11.28 -11.71
C SER C 136 -21.53 11.85 -10.32
N LEU C 137 -21.88 11.03 -9.34
CA LEU C 137 -21.97 11.47 -7.96
C LEU C 137 -20.61 11.80 -7.36
N ALA C 138 -19.58 11.20 -7.91
CA ALA C 138 -18.22 11.44 -7.45
C ALA C 138 -17.61 12.64 -8.16
N ASN C 139 -18.23 13.09 -9.22
CA ASN C 139 -17.72 14.27 -9.90
C ASN C 139 -18.64 15.44 -9.67
N ALA C 140 -19.60 15.25 -8.77
CA ALA C 140 -20.49 16.35 -8.41
C ALA C 140 -19.75 17.37 -7.56
N SER C 141 -18.86 16.96 -6.73
CA SER C 141 -18.63 18.25 -6.19
C SER C 141 -17.31 18.82 -6.63
N SER C 147 -26.43 20.22 -14.22
CA SER C 147 -25.20 20.97 -14.43
C SER C 147 -24.04 20.01 -14.60
N ALA C 148 -24.07 19.34 -15.74
CA ALA C 148 -23.22 18.27 -16.27
C ALA C 148 -23.36 16.96 -15.51
N TRP C 149 -23.18 16.97 -14.18
CA TRP C 149 -23.34 15.70 -13.46
C TRP C 149 -24.84 15.38 -13.36
N ILE C 150 -25.70 16.41 -13.24
CA ILE C 150 -27.15 16.18 -13.15
C ILE C 150 -27.67 15.48 -14.41
N PHE C 151 -27.18 15.93 -15.57
CA PHE C 151 -27.63 15.36 -16.84
C PHE C 151 -27.07 13.95 -17.03
N HIS C 152 -25.88 13.70 -16.47
CA HIS C 152 -25.30 12.37 -16.51
C HIS C 152 -26.03 11.44 -15.55
N VAL C 153 -26.49 11.97 -14.41
CA VAL C 153 -27.33 11.17 -13.52
C VAL C 153 -28.65 10.86 -14.18
N LYS C 154 -29.27 11.91 -14.70
CA LYS C 154 -30.57 11.70 -15.31
C LYS C 154 -30.43 10.75 -16.48
N GLY C 155 -29.40 10.92 -17.32
CA GLY C 155 -29.28 10.05 -18.46
C GLY C 155 -29.03 8.61 -18.04
N ALA C 156 -28.01 8.40 -17.22
CA ALA C 156 -27.79 7.11 -16.60
C ALA C 156 -29.08 6.52 -16.03
N ALA C 157 -29.81 7.30 -15.23
CA ALA C 157 -31.02 6.75 -14.59
C ALA C 157 -32.11 6.39 -15.58
N THR C 158 -32.09 6.98 -16.76
CA THR C 158 -32.97 6.56 -17.84
C THR C 158 -32.79 5.09 -18.19
N ILE C 159 -31.59 4.55 -18.05
CA ILE C 159 -31.39 3.15 -18.41
C ILE C 159 -32.12 2.23 -17.44
N LEU C 160 -32.06 2.53 -16.15
CA LEU C 160 -32.84 1.77 -15.19
C LEU C 160 -34.31 1.79 -15.54
N THR C 161 -34.86 2.96 -15.85
CA THR C 161 -36.27 3.04 -16.21
C THR C 161 -36.56 2.16 -17.43
N ALA C 162 -35.74 2.30 -18.47
CA ALA C 162 -35.97 1.57 -19.72
C ALA C 162 -35.89 0.07 -19.53
N VAL C 163 -35.25 -0.40 -18.48
CA VAL C 163 -35.18 -1.85 -18.35
C VAL C 163 -36.10 -2.39 -17.25
N TRP C 164 -36.78 -1.52 -16.50
CA TRP C 164 -37.62 -1.94 -15.38
C TRP C 164 -39.01 -2.40 -15.86
N PRO C 165 -39.55 -3.51 -15.30
CA PRO C 165 -38.96 -4.27 -14.20
C PRO C 165 -38.04 -5.39 -14.65
N LEU C 166 -37.25 -5.91 -13.72
CA LEU C 166 -36.31 -6.99 -13.98
C LEU C 166 -36.95 -8.34 -13.65
N THR C 167 -36.83 -9.30 -14.57
CA THR C 167 -37.10 -10.66 -14.16
C THR C 167 -36.20 -10.99 -12.96
N GLU C 168 -36.69 -11.97 -12.17
CA GLU C 168 -36.00 -12.70 -11.10
C GLU C 168 -34.67 -13.28 -11.49
N LYS C 169 -34.39 -13.38 -12.76
CA LYS C 169 -33.12 -13.96 -13.08
C LYS C 169 -32.04 -12.90 -13.20
N SER C 170 -32.37 -11.62 -13.09
CA SER C 170 -31.33 -10.61 -13.03
C SER C 170 -30.55 -10.72 -11.72
N ARG C 171 -29.23 -10.65 -11.87
CA ARG C 171 -28.28 -10.55 -10.75
C ARG C 171 -28.62 -9.38 -9.86
N PHE C 172 -29.36 -8.44 -10.42
CA PHE C 172 -29.52 -7.11 -9.89
C PHE C 172 -30.89 -6.88 -9.26
N HIS C 173 -31.60 -7.94 -8.85
CA HIS C 173 -32.90 -7.69 -8.22
C HIS C 173 -32.69 -7.18 -6.79
N ASN C 174 -31.78 -6.20 -6.67
CA ASN C 174 -31.38 -5.59 -5.41
C ASN C 174 -31.36 -4.07 -5.49
N LEU C 175 -31.96 -3.49 -6.54
CA LEU C 175 -32.31 -2.09 -6.77
C LEU C 175 -33.70 -1.75 -6.29
N ILE C 176 -34.44 -2.72 -5.79
CA ILE C 176 -35.84 -2.55 -5.49
C ILE C 176 -36.05 -3.21 -4.14
N SER C 177 -37.13 -2.81 -3.48
CA SER C 177 -37.60 -3.56 -2.33
C SER C 177 -38.62 -4.58 -2.82
N VAL C 178 -39.00 -5.51 -1.97
CA VAL C 178 -40.11 -6.40 -2.32
C VAL C 178 -41.36 -5.78 -1.72
N ASP C 179 -42.32 -5.52 -2.59
CA ASP C 179 -43.66 -5.06 -2.23
C ASP C 179 -44.60 -6.24 -2.26
N LEU C 180 -44.19 -7.39 -1.80
CA LEU C 180 -45.24 -8.35 -2.07
C LEU C 180 -46.17 -8.76 -0.97
N SER C 181 -45.91 -8.59 0.31
CA SER C 181 -47.05 -8.85 1.16
C SER C 181 -47.80 -7.61 1.56
N ASP C 182 -48.56 -7.64 2.64
CA ASP C 182 -49.24 -6.38 2.88
C ASP C 182 -49.36 -5.81 4.30
N LEU C 183 -49.93 -4.61 4.35
CA LEU C 183 -49.95 -3.71 5.50
C LEU C 183 -51.28 -3.21 6.01
N GLY C 184 -51.54 -3.40 7.29
CA GLY C 184 -52.80 -2.95 7.85
C GLY C 184 -52.60 -2.09 9.09
N SER C 195 -49.51 0.58 8.98
CA SER C 195 -49.25 1.33 7.72
C SER C 195 -49.14 2.86 7.79
N GLU C 196 -48.04 3.63 7.97
CA GLU C 196 -48.10 5.09 8.18
C GLU C 196 -46.77 5.67 7.74
N LEU C 197 -46.63 6.27 6.57
CA LEU C 197 -45.22 6.79 6.64
C LEU C 197 -45.24 8.19 7.30
N VAL C 198 -44.20 8.57 8.07
CA VAL C 198 -44.10 9.82 8.88
C VAL C 198 -42.95 10.61 8.29
N CYS C 199 -43.16 11.80 7.73
CA CYS C 199 -41.95 12.57 7.43
C CYS C 199 -41.90 13.75 8.41
N PHE C 200 -40.66 14.10 8.79
CA PHE C 200 -40.31 14.99 9.90
C PHE C 200 -40.43 16.44 9.51
N ASP C 201 -39.48 16.91 8.68
CA ASP C 201 -40.57 17.85 8.43
C ASP C 201 -40.56 18.46 7.12
N GLU C 202 -41.87 18.53 7.14
CA GLU C 202 -42.89 18.63 6.17
C GLU C 202 -43.79 17.52 6.75
N SER C 203 -45.10 17.46 6.48
CA SER C 203 -45.77 16.20 6.79
C SER C 203 -46.83 15.87 5.73
N ILE C 204 -47.04 14.56 5.58
CA ILE C 204 -47.85 13.87 4.55
C ILE C 204 -48.88 13.01 5.28
N ALA C 205 -49.32 13.61 6.38
CA ALA C 205 -50.21 13.24 7.48
C ALA C 205 -51.62 13.50 7.05
N ASP C 206 -51.72 14.64 6.36
CA ASP C 206 -52.70 15.25 5.45
C ASP C 206 -53.27 14.35 4.37
N LEU C 207 -52.42 13.38 4.03
CA LEU C 207 -52.45 12.38 3.00
C LEU C 207 -53.13 11.15 3.47
N TYR C 208 -53.81 11.22 4.61
CA TYR C 208 -54.17 9.94 5.22
C TYR C 208 -55.60 9.93 5.74
N PRO C 209 -56.18 8.67 5.77
CA PRO C 209 -55.62 7.41 5.29
C PRO C 209 -55.78 7.30 3.78
N VAL C 210 -54.73 6.84 3.10
CA VAL C 210 -54.75 6.79 1.63
C VAL C 210 -55.67 5.65 1.21
N GLU C 211 -56.44 5.86 0.18
CA GLU C 211 -57.22 4.64 -0.07
C GLU C 211 -56.79 4.02 -1.38
N ILE C 212 -57.44 2.92 -1.77
CA ILE C 212 -56.64 2.04 -2.66
C ILE C 212 -56.58 2.57 -4.09
N ASP C 213 -57.50 3.42 -4.53
CA ASP C 213 -57.46 3.98 -5.89
C ASP C 213 -56.60 5.25 -5.95
N SER C 214 -56.06 5.65 -4.80
CA SER C 214 -55.12 6.74 -4.67
C SER C 214 -53.93 6.56 -5.61
N PRO C 215 -53.51 7.57 -6.37
CA PRO C 215 -52.25 7.47 -7.13
C PRO C 215 -50.99 7.67 -6.30
N TYR C 216 -51.08 7.74 -4.97
CA TYR C 216 -49.94 7.81 -4.06
C TYR C 216 -49.61 6.49 -3.42
N LEU C 217 -50.52 5.53 -3.49
CA LEU C 217 -50.39 4.29 -2.76
C LEU C 217 -49.06 3.60 -3.08
N ILE C 218 -48.81 3.34 -4.36
CA ILE C 218 -47.61 2.60 -4.71
C ILE C 218 -46.36 3.33 -4.23
N THR C 219 -46.28 4.65 -4.47
CA THR C 219 -45.10 5.40 -4.04
C THR C 219 -44.98 5.45 -2.51
N LEU C 220 -46.11 5.65 -1.80
CA LEU C 220 -46.03 5.76 -0.35
C LEU C 220 -45.59 4.43 0.29
N ALA C 221 -46.22 3.32 -0.11
CA ALA C 221 -45.74 2.02 0.33
C ALA C 221 -44.27 1.82 -0.02
N TYR C 222 -43.87 2.14 -1.26
CA TYR C 222 -42.47 2.01 -1.66
C TYR C 222 -41.58 2.90 -0.79
N LEU C 223 -42.02 4.13 -0.51
CA LEU C 223 -41.20 5.01 0.33
C LEU C 223 -41.20 4.57 1.79
N ASP C 224 -42.30 3.99 2.29
CA ASP C 224 -42.31 3.46 3.65
C ASP C 224 -41.34 2.29 3.79
N LYS C 225 -41.44 1.29 2.91
CA LYS C 225 -40.52 0.16 2.99
C LYS C 225 -39.07 0.60 2.79
N LEU C 226 -38.83 1.62 1.97
CA LEU C 226 -37.46 2.09 1.74
C LEU C 226 -36.83 2.61 3.04
N HIS C 227 -37.61 3.36 3.85
CA HIS C 227 -37.12 3.79 5.16
C HIS C 227 -36.91 2.60 6.09
N ARG C 228 -37.69 1.54 5.99
CA ARG C 228 -37.30 0.57 6.99
C ARG C 228 -36.25 -0.40 6.49
N GLU C 229 -35.75 -0.24 5.27
CA GLU C 229 -34.54 -0.96 4.92
C GLU C 229 -33.33 -0.03 4.95
N LYS C 230 -33.47 1.08 5.65
CA LYS C 230 -32.42 2.11 5.76
C LYS C 230 -31.08 1.51 6.17
N ASN C 231 -31.11 0.37 6.86
CA ASN C 231 -29.90 -0.29 7.36
C ASN C 231 -29.66 -1.68 6.78
N GLN C 232 -30.60 -2.22 6.02
CA GLN C 232 -30.35 -3.42 5.24
C GLN C 232 -29.30 -3.11 4.17
N SER C 233 -28.61 -4.16 3.71
CA SER C 233 -27.64 -4.08 2.63
C SER C 233 -28.26 -3.52 1.35
N ASP C 234 -27.41 -3.06 0.44
CA ASP C 234 -27.82 -2.49 -0.85
C ASP C 234 -28.78 -1.32 -0.69
N PHE C 235 -28.80 -0.65 0.45
CA PHE C 235 -29.71 0.47 0.59
C PHE C 235 -29.29 1.64 -0.28
N ILE C 236 -28.00 1.80 -0.53
CA ILE C 236 -27.65 2.93 -1.37
C ILE C 236 -28.15 2.67 -2.79
N LEU C 237 -28.08 1.44 -3.31
CA LEU C 237 -28.60 1.25 -4.66
C LEU C 237 -30.12 1.44 -4.68
N ARG C 238 -30.79 0.93 -3.65
CA ARG C 238 -32.22 1.09 -3.43
C ARG C 238 -32.64 2.53 -3.51
N VAL C 239 -31.96 3.35 -2.74
CA VAL C 239 -32.42 4.72 -2.57
C VAL C 239 -32.06 5.54 -3.79
N PHE C 240 -30.95 5.23 -4.47
CA PHE C 240 -30.63 5.89 -5.73
C PHE C 240 -31.62 5.49 -6.84
N ALA C 241 -32.01 4.24 -6.88
CA ALA C 241 -32.88 3.81 -7.98
C ALA C 241 -34.29 4.37 -7.84
N PHE C 242 -34.70 4.72 -6.65
CA PHE C 242 -36.09 5.02 -6.37
C PHE C 242 -36.72 5.97 -7.40
N PRO C 243 -36.20 7.18 -7.65
CA PRO C 243 -36.90 8.06 -8.62
C PRO C 243 -36.96 7.50 -10.04
N ALA C 244 -36.07 6.56 -10.39
CA ALA C 244 -36.15 5.87 -11.67
C ALA C 244 -37.22 4.78 -11.72
N LEU C 245 -37.71 4.28 -10.58
CA LEU C 245 -38.64 3.15 -10.57
C LEU C 245 -40.06 3.56 -10.20
N LEU C 246 -40.36 4.86 -10.21
CA LEU C 246 -41.69 5.35 -9.89
C LEU C 246 -42.69 4.90 -10.95
N ASP C 247 -43.91 4.67 -10.52
CA ASP C 247 -44.86 4.15 -11.46
C ASP C 247 -45.30 5.27 -12.39
N LYS C 248 -45.65 4.87 -13.61
CA LYS C 248 -45.91 5.84 -14.67
C LYS C 248 -46.88 6.92 -14.20
N THR C 249 -47.94 6.51 -13.51
CA THR C 249 -48.99 7.44 -13.12
C THR C 249 -48.45 8.48 -12.16
N PHE C 250 -47.85 8.04 -11.06
CA PHE C 250 -47.26 8.99 -10.14
C PHE C 250 -46.27 9.92 -10.83
N LEU C 251 -45.50 9.42 -11.78
CA LEU C 251 -44.54 10.34 -12.37
C LEU C 251 -45.22 11.33 -13.33
N ALA C 252 -46.31 10.99 -14.01
CA ALA C 252 -46.98 12.05 -14.77
C ALA C 252 -47.56 13.11 -13.85
N LEU C 253 -48.10 12.68 -12.72
CA LEU C 253 -48.54 13.62 -11.70
C LEU C 253 -47.40 14.53 -11.30
N LEU C 254 -46.27 13.92 -10.97
CA LEU C 254 -45.07 14.66 -10.61
C LEU C 254 -44.83 15.76 -11.65
N MET C 255 -44.95 15.39 -12.91
CA MET C 255 -44.66 16.32 -13.99
C MET C 255 -45.71 17.42 -14.09
N THR C 256 -46.96 17.15 -13.71
CA THR C 256 -48.02 18.15 -13.74
C THR C 256 -47.92 19.11 -12.56
N GLY C 257 -46.94 18.95 -11.71
CA GLY C 257 -46.93 19.79 -10.53
C GLY C 257 -47.98 19.48 -9.50
N ASP C 258 -48.47 18.24 -9.43
CA ASP C 258 -49.35 17.84 -8.34
C ASP C 258 -48.65 18.09 -7.00
N LEU C 259 -49.34 18.89 -6.15
CA LEU C 259 -48.87 19.32 -4.84
C LEU C 259 -48.53 18.14 -3.96
N GLY C 260 -49.40 17.13 -4.06
CA GLY C 260 -49.31 15.97 -3.22
C GLY C 260 -48.14 15.10 -3.61
N ALA C 261 -48.01 14.83 -4.90
CA ALA C 261 -46.84 14.06 -5.34
C ALA C 261 -45.54 14.75 -4.93
N MET C 262 -45.49 16.08 -5.01
CA MET C 262 -44.19 16.67 -4.70
C MET C 262 -43.91 16.70 -3.22
N ARG C 263 -44.90 16.72 -2.35
CA ARG C 263 -44.51 16.69 -0.95
C ARG C 263 -43.99 15.31 -0.57
N ILE C 264 -44.59 14.26 -1.12
CA ILE C 264 -44.00 12.94 -0.98
C ILE C 264 -42.54 12.95 -1.45
N MET C 265 -42.28 13.50 -2.63
CA MET C 265 -40.90 13.45 -3.12
C MET C 265 -39.99 14.26 -2.22
N ARG C 266 -40.49 15.37 -1.68
CA ARG C 266 -39.69 16.13 -0.73
C ARG C 266 -39.34 15.28 0.49
N CYS C 267 -40.24 14.39 0.91
CA CYS C 267 -39.88 13.45 1.97
C CYS C 267 -38.75 12.53 1.53
N TYR C 268 -38.85 11.94 0.33
CA TYR C 268 -37.77 11.10 -0.16
C TYR C 268 -36.44 11.85 -0.16
N TYR C 269 -36.45 13.12 -0.59
CA TYR C 269 -35.23 13.92 -0.61
C TYR C 269 -34.59 14.00 0.77
N GLN C 270 -35.40 14.19 1.82
CA GLN C 270 -34.85 14.22 3.16
C GLN C 270 -34.21 12.88 3.50
N LEU C 271 -34.87 11.79 3.11
CA LEU C 271 -34.27 10.47 3.24
C LEU C 271 -32.91 10.41 2.54
N LEU C 272 -32.83 10.83 1.27
CA LEU C 272 -31.60 10.63 0.50
C LEU C 272 -30.49 11.60 0.91
N ARG C 273 -30.83 12.88 1.12
CA ARG C 273 -29.82 13.83 1.56
C ARG C 273 -29.33 13.51 2.95
N GLY C 274 -30.21 12.96 3.78
CA GLY C 274 -29.80 12.59 5.13
C GLY C 274 -28.86 11.40 5.14
N PHE C 275 -29.16 10.38 4.33
CA PHE C 275 -28.25 9.25 4.27
C PHE C 275 -26.94 9.65 3.60
N ALA C 276 -27.01 10.53 2.60
CA ALA C 276 -25.81 10.95 1.90
C ALA C 276 -24.90 11.77 2.80
N THR C 277 -25.47 12.77 3.48
CA THR C 277 -24.75 13.60 4.44
C THR C 277 -24.03 12.76 5.49
N GLU C 278 -24.53 11.56 5.77
CA GLU C 278 -23.93 10.84 6.87
C GLU C 278 -23.05 9.65 6.46
N VAL C 279 -22.99 9.27 5.17
CA VAL C 279 -22.02 8.31 4.65
C VAL C 279 -20.94 8.98 3.80
N LYS C 280 -21.01 10.29 3.67
CA LYS C 280 -20.15 11.35 3.15
C LYS C 280 -18.71 11.08 2.95
N ASP C 281 -18.29 10.65 4.13
CA ASP C 281 -17.00 10.68 4.70
C ASP C 281 -16.39 9.31 4.73
N LYS C 282 -17.23 8.29 4.53
CA LYS C 282 -16.99 6.86 4.49
C LYS C 282 -16.92 6.33 3.07
N VAL C 283 -17.81 6.85 2.23
CA VAL C 283 -18.01 6.38 0.87
C VAL C 283 -17.39 7.42 -0.05
N TRP C 284 -16.38 7.01 -0.83
CA TRP C 284 -15.57 7.98 -1.54
C TRP C 284 -16.35 8.67 -2.66
N PHE C 285 -17.10 7.90 -3.47
CA PHE C 285 -17.86 8.48 -4.59
C PHE C 285 -19.04 9.30 -4.12
N LEU C 286 -19.25 9.55 -2.82
CA LEU C 286 -20.30 10.46 -2.38
C LEU C 286 -19.72 11.68 -1.70
N GLU C 287 -18.40 11.78 -1.64
CA GLU C 287 -17.76 12.93 -1.03
C GLU C 287 -18.31 14.22 -1.63
N GLY C 288 -18.58 15.18 -0.75
CA GLY C 288 -19.02 16.49 -1.18
C GLY C 288 -20.39 16.56 -1.82
N ILE C 289 -21.12 15.45 -1.89
CA ILE C 289 -22.45 15.40 -2.52
C ILE C 289 -23.39 16.46 -1.93
N THR C 290 -23.15 16.92 -0.71
CA THR C 290 -24.10 17.87 -0.13
C THR C 290 -23.93 19.29 -0.64
N GLN C 291 -22.82 19.56 -1.32
CA GLN C 291 -22.45 20.79 -2.01
C GLN C 291 -23.00 20.76 -3.42
N VAL C 292 -24.19 20.21 -3.68
CA VAL C 292 -24.66 20.05 -5.05
C VAL C 292 -26.13 19.65 -5.00
N LEU C 293 -26.52 19.07 -3.88
CA LEU C 293 -27.89 18.79 -3.50
C LEU C 293 -28.13 19.69 -2.30
N PRO C 294 -28.79 20.90 -2.44
CA PRO C 294 -28.97 21.89 -1.36
C PRO C 294 -29.78 21.37 -0.18
N GLN C 295 -29.66 22.03 0.98
CA GLN C 295 -30.44 21.61 2.14
C GLN C 295 -31.92 21.94 1.94
N ASP C 296 -32.23 23.23 1.74
CA ASP C 296 -33.58 23.63 1.37
C ASP C 296 -33.68 23.56 -0.14
N VAL C 297 -34.52 22.64 -0.62
CA VAL C 297 -34.58 22.39 -2.05
C VAL C 297 -35.12 23.61 -2.78
N ASP C 298 -35.73 24.53 -2.06
CA ASP C 298 -36.09 25.81 -2.64
C ASP C 298 -34.88 26.71 -2.87
N ASP C 299 -33.67 26.26 -2.52
CA ASP C 299 -32.45 27.01 -2.81
C ASP C 299 -31.83 26.69 -4.16
N TYR C 300 -32.33 25.66 -4.85
CA TYR C 300 -31.87 25.28 -6.17
C TYR C 300 -32.13 26.45 -7.12
N SER C 301 -31.65 26.38 -8.34
CA SER C 301 -32.05 27.72 -8.69
C SER C 301 -33.32 27.82 -9.45
N GLY C 302 -33.93 27.05 -10.35
CA GLY C 302 -35.28 27.63 -10.37
C GLY C 302 -36.35 27.30 -9.27
N GLY C 303 -35.89 27.14 -8.03
CA GLY C 303 -36.72 26.63 -6.96
C GLY C 303 -36.88 25.11 -7.03
N GLY C 304 -37.57 24.57 -6.02
CA GLY C 304 -37.72 23.13 -5.92
C GLY C 304 -38.42 22.53 -7.13
N MET C 305 -39.36 23.28 -7.70
CA MET C 305 -40.03 22.80 -8.90
C MET C 305 -39.05 22.53 -10.02
N HIS C 306 -38.08 23.43 -10.21
CA HIS C 306 -37.09 23.22 -11.25
C HIS C 306 -36.14 22.07 -10.91
N MET C 307 -35.77 21.91 -9.64
CA MET C 307 -34.78 20.84 -9.42
C MET C 307 -35.32 19.48 -9.88
N MET C 308 -36.63 19.41 -10.16
CA MET C 308 -37.39 18.27 -10.66
C MET C 308 -37.35 18.15 -12.18
N LEU C 309 -37.53 19.23 -12.92
CA LEU C 309 -37.43 18.88 -14.32
C LEU C 309 -35.97 18.73 -14.72
N ASP C 310 -35.02 19.34 -14.04
CA ASP C 310 -33.60 19.07 -14.31
C ASP C 310 -33.10 17.68 -13.83
N PHE C 311 -33.94 16.83 -13.27
CA PHE C 311 -33.50 15.52 -12.74
C PHE C 311 -34.41 14.38 -13.17
N LEU C 312 -35.64 14.68 -13.51
CA LEU C 312 -36.61 13.68 -13.90
C LEU C 312 -37.17 14.11 -15.25
N GLY C 313 -37.46 13.16 -16.13
CA GLY C 313 -38.01 13.52 -17.42
C GLY C 313 -39.03 12.47 -17.86
N GLY C 314 -39.93 12.90 -18.73
CA GLY C 314 -40.89 12.01 -19.37
C GLY C 314 -40.92 12.26 -20.86
N GLY C 315 -40.64 11.26 -21.67
CA GLY C 315 -40.66 11.44 -23.12
C GLY C 315 -42.03 11.83 -23.61
N THR D 31 -9.29 3.37 -29.45
CA THR D 31 -10.53 2.94 -30.08
C THR D 31 -11.23 1.88 -29.26
N LEU D 32 -10.76 1.68 -28.00
CA LEU D 32 -11.20 0.61 -27.08
C LEU D 32 -10.82 -0.82 -27.48
N ASN D 33 -9.93 -1.46 -26.74
CA ASN D 33 -9.48 -2.79 -27.17
C ASN D 33 -9.84 -3.92 -26.20
N LEU D 34 -10.95 -4.62 -26.47
CA LEU D 34 -11.40 -5.69 -25.56
C LEU D 34 -10.46 -6.89 -25.58
N ILE D 35 -9.76 -7.13 -26.69
CA ILE D 35 -8.99 -8.36 -26.66
C ILE D 35 -7.73 -8.21 -25.79
N ASP D 36 -6.92 -7.16 -25.90
CA ASP D 36 -5.86 -7.08 -24.89
C ASP D 36 -6.43 -7.07 -23.47
N LEU D 37 -7.59 -6.44 -23.31
CA LEU D 37 -8.23 -6.38 -21.99
C LEU D 37 -8.56 -7.80 -21.51
N LYS D 38 -9.16 -8.59 -22.39
CA LYS D 38 -9.36 -10.00 -22.09
C LYS D 38 -8.04 -10.72 -21.81
N LEU D 39 -7.04 -10.54 -22.68
CA LEU D 39 -5.76 -11.23 -22.49
C LEU D 39 -5.09 -10.84 -21.18
N PHE D 40 -5.14 -9.57 -20.81
CA PHE D 40 -4.50 -9.16 -19.56
C PHE D 40 -5.28 -9.65 -18.35
N HIS D 41 -6.63 -9.59 -18.39
CA HIS D 41 -7.43 -10.17 -17.31
C HIS D 41 -7.14 -11.66 -17.17
N HIS D 42 -7.02 -12.36 -18.30
CA HIS D 42 -6.64 -13.77 -18.25
C HIS D 42 -5.30 -13.96 -17.55
N TYR D 43 -4.35 -13.05 -17.75
CA TYR D 43 -3.06 -13.22 -17.08
C TYR D 43 -3.21 -13.11 -15.56
N CYS D 44 -3.84 -12.01 -15.10
CA CYS D 44 -4.07 -11.76 -13.68
C CYS D 44 -4.97 -12.81 -13.02
N THR D 45 -5.67 -13.62 -13.79
CA THR D 45 -6.56 -14.58 -13.16
C THR D 45 -6.13 -16.02 -13.38
N GLU D 46 -5.87 -16.46 -14.60
CA GLU D 46 -5.46 -17.85 -14.51
C GLU D 46 -4.09 -18.18 -15.10
N VAL D 47 -3.33 -17.26 -15.69
CA VAL D 47 -1.96 -17.63 -16.09
C VAL D 47 -0.96 -17.53 -14.94
N TRP D 48 -0.93 -16.45 -14.17
CA TRP D 48 0.09 -16.39 -13.12
C TRP D 48 0.03 -17.59 -12.18
N PRO D 49 -1.13 -18.14 -11.78
CA PRO D 49 -1.07 -19.35 -10.94
C PRO D 49 -0.44 -20.52 -11.67
N THR D 50 -0.54 -20.52 -13.00
CA THR D 50 0.14 -21.45 -13.89
C THR D 50 1.64 -21.44 -13.66
N ILE D 51 2.16 -20.27 -13.35
CA ILE D 51 3.59 -20.09 -13.18
C ILE D 51 4.01 -20.57 -11.79
N THR D 52 3.23 -20.24 -10.77
CA THR D 52 3.65 -20.55 -9.41
C THR D 52 3.50 -22.03 -9.09
N SER D 53 2.57 -22.73 -9.75
CA SER D 53 2.23 -24.15 -9.72
C SER D 53 3.28 -25.07 -10.31
N ALA D 54 4.12 -24.51 -11.16
CA ALA D 54 5.20 -25.26 -11.76
C ALA D 54 6.41 -25.34 -10.85
N GLY D 55 6.45 -24.53 -9.79
CA GLY D 55 7.49 -24.65 -8.79
C GLY D 55 8.15 -23.32 -8.49
N ILE D 56 7.75 -22.31 -9.24
CA ILE D 56 8.32 -20.99 -9.07
C ILE D 56 7.77 -20.36 -7.79
N SER D 57 8.61 -19.55 -7.15
CA SER D 57 8.33 -18.86 -5.91
C SER D 57 7.92 -17.42 -6.21
N GLY D 58 7.86 -16.61 -5.15
CA GLY D 58 7.57 -15.19 -5.28
C GLY D 58 6.22 -14.94 -5.90
N GLU D 59 5.16 -15.41 -5.25
CA GLU D 59 3.83 -15.34 -5.87
C GLU D 59 3.42 -13.91 -6.15
N ARG D 60 3.62 -12.98 -5.21
CA ARG D 60 3.20 -11.61 -5.50
C ARG D 60 3.93 -10.99 -6.71
N ILE D 61 5.15 -11.44 -7.01
CA ILE D 61 5.85 -10.98 -8.22
C ILE D 61 5.00 -11.27 -9.45
N TRP D 62 4.53 -12.51 -9.58
CA TRP D 62 3.81 -12.91 -10.79
C TRP D 62 2.39 -12.38 -10.82
N SER D 63 1.76 -12.20 -9.66
CA SER D 63 0.36 -11.80 -9.50
C SER D 63 0.16 -10.29 -9.49
N ASP D 64 1.11 -9.58 -8.88
CA ASP D 64 1.00 -8.13 -8.59
C ASP D 64 2.08 -7.30 -9.24
N GLU D 65 3.34 -7.57 -8.84
CA GLU D 65 4.49 -6.75 -9.24
C GLU D 65 4.69 -6.74 -10.76
N ILE D 66 4.70 -7.91 -11.40
CA ILE D 66 4.89 -7.93 -12.85
C ILE D 66 3.80 -7.18 -13.60
N PRO D 67 2.49 -7.34 -13.29
CA PRO D 67 1.47 -6.51 -13.96
C PRO D 67 1.68 -5.01 -13.82
N GLN D 68 2.08 -4.55 -12.63
CA GLN D 68 2.31 -3.11 -12.47
C GLN D 68 3.54 -2.67 -13.24
N LEU D 69 4.58 -3.48 -13.26
CA LEU D 69 5.78 -3.22 -14.07
C LEU D 69 5.41 -3.11 -15.54
N ALA D 70 4.44 -3.89 -16.01
CA ALA D 70 4.08 -3.81 -17.42
C ALA D 70 3.44 -2.48 -17.82
N PHE D 71 2.86 -1.72 -16.87
CA PHE D 71 2.28 -0.42 -17.24
C PHE D 71 3.35 0.63 -17.51
N ASP D 72 4.53 0.48 -16.93
CA ASP D 72 5.51 1.45 -17.36
C ASP D 72 6.50 0.91 -18.38
N TYR D 73 6.56 -0.39 -18.67
CA TYR D 73 7.42 -0.87 -19.74
C TYR D 73 6.65 -1.63 -20.80
N PRO D 74 6.36 -1.00 -21.95
CA PRO D 74 5.57 -1.70 -22.99
C PRO D 74 6.06 -3.09 -23.35
N PHE D 75 7.39 -3.27 -23.47
CA PHE D 75 7.90 -4.56 -23.91
C PHE D 75 7.46 -5.70 -22.98
N LEU D 76 7.36 -5.43 -21.68
CA LEU D 76 6.83 -6.41 -20.74
C LEU D 76 5.34 -6.66 -20.95
N MET D 77 4.57 -5.62 -21.24
CA MET D 77 3.15 -5.87 -21.39
C MET D 77 2.90 -6.70 -22.64
N HIS D 78 3.59 -6.42 -23.74
CA HIS D 78 3.47 -7.28 -24.90
C HIS D 78 3.88 -8.72 -24.59
N ALA D 79 4.91 -8.89 -23.76
CA ALA D 79 5.35 -10.26 -23.44
C ALA D 79 4.34 -10.97 -22.56
N LEU D 80 3.79 -10.28 -21.56
CA LEU D 80 2.65 -10.81 -20.81
C LEU D 80 1.50 -11.14 -21.74
N LEU D 81 1.10 -10.21 -22.60
CA LEU D 81 -0.06 -10.44 -23.45
C LEU D 81 0.12 -11.65 -24.35
N ALA D 82 1.32 -11.82 -24.92
CA ALA D 82 1.54 -12.94 -25.84
C ALA D 82 1.44 -14.27 -25.12
N PHE D 83 2.17 -14.42 -24.01
CA PHE D 83 2.06 -15.60 -23.17
C PHE D 83 0.60 -15.86 -22.78
N SER D 84 -0.15 -14.80 -22.49
CA SER D 84 -1.54 -15.00 -22.12
C SER D 84 -2.33 -15.55 -23.29
N ALA D 85 -2.19 -14.94 -24.47
CA ALA D 85 -2.90 -15.47 -25.64
C ALA D 85 -2.48 -16.90 -25.92
N THR D 86 -1.19 -17.22 -25.75
CA THR D 86 -0.72 -18.58 -25.99
C THR D 86 -1.42 -19.56 -25.07
N HIS D 87 -1.55 -19.21 -23.79
CA HIS D 87 -2.22 -20.09 -22.85
C HIS D 87 -3.71 -20.18 -23.12
N LEU D 88 -4.36 -19.07 -23.49
CA LEU D 88 -5.80 -19.13 -23.73
C LEU D 88 -6.13 -19.85 -25.02
N ALA D 89 -5.27 -19.71 -26.05
CA ALA D 89 -5.54 -20.31 -27.36
C ALA D 89 -5.65 -21.82 -27.26
N ARG D 90 -5.54 -22.37 -26.05
CA ARG D 90 -5.78 -23.78 -25.83
C ARG D 90 -7.26 -24.14 -25.80
N LYS D 91 -8.15 -23.19 -25.50
CA LYS D 91 -9.59 -23.33 -25.28
C LYS D 91 -10.45 -22.53 -26.25
N GLU D 92 -9.85 -21.59 -26.97
CA GLU D 92 -10.57 -20.86 -27.99
C GLU D 92 -9.67 -20.69 -29.20
N PRO D 93 -10.24 -20.93 -30.38
CA PRO D 93 -9.68 -20.47 -31.65
C PRO D 93 -9.73 -18.95 -31.88
N GLY D 94 -9.28 -18.51 -33.08
CA GLY D 94 -8.79 -17.15 -33.17
C GLY D 94 -7.64 -17.09 -32.20
N LEU D 95 -7.20 -15.88 -31.90
CA LEU D 95 -6.12 -15.69 -30.93
C LEU D 95 -4.71 -16.06 -31.38
N GLU D 96 -4.54 -17.03 -32.31
CA GLU D 96 -3.20 -17.40 -32.77
C GLU D 96 -2.58 -16.28 -33.59
N GLN D 97 -3.39 -15.39 -34.16
CA GLN D 97 -3.04 -14.12 -34.76
C GLN D 97 -2.44 -13.17 -33.73
N TYR D 98 -2.98 -13.28 -32.51
CA TYR D 98 -2.60 -12.36 -31.45
C TYR D 98 -1.35 -12.80 -30.70
N VAL D 99 -0.99 -14.07 -30.78
CA VAL D 99 0.30 -14.50 -30.24
C VAL D 99 1.44 -13.91 -31.07
N ALA D 100 1.24 -13.84 -32.38
CA ALA D 100 2.33 -13.41 -33.27
C ALA D 100 2.57 -11.92 -33.16
N SER D 101 1.48 -11.13 -33.16
CA SER D 101 1.44 -9.67 -33.02
C SER D 101 2.32 -9.19 -31.89
N HIS D 102 1.97 -9.69 -30.71
CA HIS D 102 2.46 -9.17 -29.46
C HIS D 102 3.88 -9.60 -29.21
N ARG D 103 4.28 -10.76 -29.72
CA ARG D 103 5.66 -11.17 -29.53
C ARG D 103 6.61 -10.37 -30.39
N LEU D 104 6.29 -10.22 -31.68
CA LEU D 104 7.21 -9.43 -32.47
C LEU D 104 7.28 -8.02 -31.92
N ASP D 105 6.17 -7.43 -31.49
CA ASP D 105 6.38 -6.13 -30.88
C ASP D 105 7.14 -6.26 -29.55
N ALA D 106 7.06 -7.40 -28.86
CA ALA D 106 7.83 -7.51 -27.64
C ALA D 106 9.32 -7.58 -27.90
N LEU D 107 9.74 -8.37 -28.91
CA LEU D 107 11.15 -8.48 -29.22
C LEU D 107 11.70 -7.18 -29.77
N ARG D 108 10.95 -6.51 -30.67
CA ARG D 108 11.34 -5.22 -31.24
C ARG D 108 11.71 -4.24 -30.13
N LEU D 109 10.79 -4.00 -29.21
CA LEU D 109 11.25 -3.05 -28.21
C LEU D 109 12.10 -3.74 -27.16
N LEU D 110 12.23 -5.06 -27.21
CA LEU D 110 13.16 -5.74 -26.31
C LEU D 110 14.61 -5.62 -26.80
N ARG D 111 14.84 -5.71 -28.09
CA ARG D 111 16.27 -5.54 -28.33
C ARG D 111 16.64 -4.08 -28.18
N LYS D 112 15.75 -3.10 -28.44
CA LYS D 112 16.25 -1.77 -28.08
C LYS D 112 16.33 -1.59 -26.55
N ALA D 113 15.25 -1.79 -25.75
CA ALA D 113 15.36 -1.61 -24.29
C ALA D 113 16.60 -2.29 -23.71
N VAL D 114 17.05 -3.36 -24.36
CA VAL D 114 18.21 -4.09 -23.84
C VAL D 114 19.51 -3.43 -24.23
N LEU D 115 19.47 -2.30 -24.90
CA LEU D 115 20.77 -1.69 -24.71
C LEU D 115 20.70 -0.46 -23.85
N GLU D 116 19.58 0.22 -23.66
CA GLU D 116 19.63 1.11 -22.54
C GLU D 116 19.38 0.42 -21.19
N ILE D 117 20.07 -0.70 -20.90
CA ILE D 117 19.78 -1.42 -19.66
C ILE D 117 20.22 -0.55 -18.49
N SER D 118 19.30 -0.42 -17.52
CA SER D 118 19.20 0.57 -16.47
C SER D 118 18.97 -0.19 -15.19
N GLU D 119 19.14 0.44 -14.02
CA GLU D 119 18.56 -0.16 -12.83
C GLU D 119 17.05 -0.02 -12.80
N ASP D 120 16.45 0.87 -13.56
CA ASP D 120 15.00 0.93 -13.39
C ASP D 120 14.28 -0.14 -14.20
N ASN D 121 14.92 -0.67 -15.25
CA ASN D 121 14.23 -1.58 -16.14
C ASN D 121 14.84 -2.97 -16.22
N THR D 122 15.70 -3.40 -15.26
CA THR D 122 16.25 -4.76 -15.39
C THR D 122 15.25 -5.82 -14.98
N ASP D 123 14.54 -5.59 -13.87
CA ASP D 123 13.52 -6.53 -13.43
C ASP D 123 12.45 -6.69 -14.50
N ALA D 124 12.02 -5.58 -15.10
CA ALA D 124 11.13 -5.68 -16.24
C ALA D 124 11.77 -6.45 -17.39
N LEU D 125 13.09 -6.35 -17.55
CA LEU D 125 13.77 -7.08 -18.62
C LEU D 125 13.85 -8.58 -18.33
N VAL D 126 14.13 -8.95 -17.08
CA VAL D 126 14.19 -10.37 -16.70
C VAL D 126 12.80 -11.01 -16.81
N ALA D 127 11.76 -10.34 -16.29
CA ALA D 127 10.42 -10.92 -16.33
C ALA D 127 9.97 -11.18 -17.76
N SER D 128 10.23 -10.21 -18.65
CA SER D 128 10.18 -10.24 -20.12
C SER D 128 10.71 -11.52 -20.72
N ALA D 129 11.95 -11.75 -20.33
CA ALA D 129 12.70 -12.87 -20.85
C ALA D 129 12.14 -14.17 -20.30
N LEU D 130 11.79 -14.21 -19.03
CA LEU D 130 11.22 -15.43 -18.47
C LEU D 130 9.86 -15.75 -19.11
N ILE D 131 9.02 -14.74 -19.30
CA ILE D 131 7.74 -14.95 -19.95
C ILE D 131 7.95 -15.43 -21.39
N LEU D 132 8.85 -14.81 -22.11
CA LEU D 132 8.92 -15.30 -23.48
C LEU D 132 9.66 -16.62 -23.56
N ILE D 133 10.52 -16.96 -22.62
CA ILE D 133 11.04 -18.33 -22.57
C ILE D 133 9.89 -19.33 -22.39
N MET D 134 9.01 -19.12 -21.40
CA MET D 134 7.87 -20.01 -21.21
C MET D 134 6.95 -20.02 -22.42
N ASP D 135 6.71 -18.85 -23.00
CA ASP D 135 5.93 -18.79 -24.23
C ASP D 135 6.58 -19.58 -25.37
N SER D 136 7.88 -19.47 -25.57
CA SER D 136 8.12 -20.24 -26.77
C SER D 136 8.43 -21.69 -26.46
N LEU D 137 8.79 -22.01 -25.22
CA LEU D 137 8.75 -23.38 -24.77
C LEU D 137 7.40 -24.05 -24.98
N ALA D 138 6.37 -23.26 -25.07
CA ALA D 138 5.03 -23.82 -25.20
C ALA D 138 4.66 -24.00 -26.66
N ASN D 139 5.53 -23.68 -27.58
CA ASN D 139 5.27 -23.93 -29.00
C ASN D 139 6.34 -24.89 -29.52
N ALA D 140 5.93 -25.80 -30.40
CA ALA D 140 6.81 -26.87 -30.88
C ALA D 140 6.29 -27.46 -32.18
N SER D 147 11.84 -24.04 -37.21
CA SER D 147 13.00 -23.65 -36.43
C SER D 147 12.67 -22.54 -35.48
N ALA D 148 11.46 -22.09 -35.35
CA ALA D 148 11.41 -20.73 -34.85
C ALA D 148 11.48 -20.66 -33.31
N TRP D 149 11.03 -21.71 -32.64
CA TRP D 149 10.99 -21.67 -31.18
C TRP D 149 12.41 -21.42 -30.63
N ILE D 150 13.41 -22.09 -31.21
CA ILE D 150 14.81 -21.96 -30.84
C ILE D 150 15.28 -20.52 -30.98
N PHE D 151 14.85 -19.86 -32.06
CA PHE D 151 15.34 -18.51 -32.29
C PHE D 151 14.69 -17.52 -31.33
N HIS D 152 13.43 -17.74 -30.91
CA HIS D 152 12.88 -16.86 -29.87
C HIS D 152 13.51 -17.14 -28.53
N VAL D 153 13.71 -18.43 -28.25
CA VAL D 153 14.31 -18.74 -26.95
C VAL D 153 15.70 -18.17 -26.87
N LYS D 154 16.52 -18.32 -27.91
CA LYS D 154 17.86 -17.77 -27.91
C LYS D 154 17.81 -16.25 -27.73
N GLY D 155 16.93 -15.60 -28.50
CA GLY D 155 16.79 -14.15 -28.37
C GLY D 155 16.34 -13.74 -26.97
N ALA D 156 15.26 -14.35 -26.49
CA ALA D 156 14.83 -14.14 -25.11
C ALA D 156 15.95 -14.37 -24.11
N ALA D 157 16.72 -15.44 -24.27
CA ALA D 157 17.75 -15.74 -23.29
C ALA D 157 18.96 -14.82 -23.42
N THR D 158 19.12 -14.13 -24.53
CA THR D 158 20.23 -13.20 -24.45
C THR D 158 19.87 -11.98 -23.61
N ILE D 159 18.59 -11.71 -23.33
CA ILE D 159 18.31 -10.64 -22.39
C ILE D 159 18.80 -11.00 -21.00
N LEU D 160 18.68 -12.26 -20.59
CA LEU D 160 19.23 -12.68 -19.30
C LEU D 160 20.73 -12.48 -19.25
N THR D 161 21.42 -12.88 -20.32
CA THR D 161 22.87 -12.72 -20.40
C THR D 161 23.27 -11.26 -20.23
N ALA D 162 22.61 -10.35 -20.95
CA ALA D 162 23.00 -8.93 -20.99
C ALA D 162 22.69 -8.20 -19.70
N VAL D 163 21.88 -8.80 -18.84
CA VAL D 163 21.47 -8.25 -17.55
C VAL D 163 22.29 -8.87 -16.42
N TRP D 164 22.93 -10.00 -16.67
CA TRP D 164 23.69 -10.75 -15.67
C TRP D 164 25.01 -10.04 -15.38
N PRO D 165 25.40 -9.83 -14.10
CA PRO D 165 24.69 -10.23 -12.88
C PRO D 165 23.67 -9.23 -12.39
N LEU D 166 22.80 -9.65 -11.50
CA LEU D 166 21.82 -8.74 -10.96
C LEU D 166 22.20 -8.35 -9.53
N THR D 167 21.87 -7.10 -9.23
CA THR D 167 21.38 -6.53 -8.00
C THR D 167 21.16 -7.63 -6.97
N GLU D 168 21.38 -7.55 -5.66
CA GLU D 168 20.51 -8.42 -4.90
C GLU D 168 19.22 -7.71 -4.51
N LYS D 169 19.04 -6.46 -4.92
CA LYS D 169 17.73 -5.87 -4.77
C LYS D 169 16.78 -6.26 -5.89
N SER D 170 17.25 -7.03 -6.88
CA SER D 170 16.38 -7.61 -7.89
C SER D 170 15.42 -8.60 -7.25
N ARG D 171 14.11 -8.41 -7.48
CA ARG D 171 13.09 -9.41 -7.17
C ARG D 171 13.48 -10.80 -7.66
N PHE D 172 14.35 -10.87 -8.64
CA PHE D 172 14.51 -12.05 -9.47
C PHE D 172 15.82 -12.78 -9.19
N HIS D 173 16.59 -12.35 -8.20
CA HIS D 173 17.95 -12.90 -8.19
C HIS D 173 18.03 -14.29 -7.60
N ASN D 174 17.30 -14.68 -6.58
CA ASN D 174 17.59 -16.10 -6.34
C ASN D 174 16.57 -17.01 -6.99
N LEU D 175 15.67 -16.44 -7.78
CA LEU D 175 14.86 -17.32 -8.62
C LEU D 175 15.63 -17.88 -9.83
N ILE D 176 16.56 -17.14 -10.42
CA ILE D 176 17.20 -17.68 -11.64
C ILE D 176 18.61 -18.23 -11.42
N SER D 177 19.23 -18.02 -10.26
CA SER D 177 20.64 -18.36 -10.05
C SER D 177 20.76 -19.31 -8.86
N VAL D 178 21.95 -19.88 -8.61
CA VAL D 178 22.17 -20.70 -7.40
C VAL D 178 23.28 -20.04 -6.57
N ASP D 179 23.32 -20.26 -5.27
CA ASP D 179 24.35 -19.47 -4.59
C ASP D 179 25.67 -20.24 -4.44
N LEU D 180 26.75 -19.54 -4.77
CA LEU D 180 28.09 -20.13 -4.87
C LEU D 180 29.08 -19.46 -3.91
N SER D 181 28.76 -19.41 -2.62
CA SER D 181 29.66 -18.73 -1.67
C SER D 181 30.14 -19.64 -0.53
N ASP D 182 30.48 -20.91 -0.79
CA ASP D 182 31.22 -21.75 0.20
C ASP D 182 31.77 -23.11 -0.30
N LEU D 183 30.96 -24.18 -0.51
CA LEU D 183 31.43 -25.63 -0.63
C LEU D 183 32.28 -25.98 -1.86
N GLY D 184 33.15 -27.14 -1.66
CA GLY D 184 34.24 -27.75 -2.58
C GLY D 184 33.75 -28.08 -3.97
N VAL D 198 28.52 -36.19 -11.70
CA VAL D 198 27.12 -36.59 -11.89
C VAL D 198 26.84 -37.82 -12.78
N CYS D 199 26.49 -37.36 -13.98
CA CYS D 199 25.67 -38.08 -14.97
C CYS D 199 26.23 -39.40 -15.48
N PHE D 200 25.18 -40.20 -15.63
CA PHE D 200 25.05 -41.64 -15.89
C PHE D 200 25.54 -42.04 -17.27
N ASP D 201 25.26 -41.29 -18.32
CA ASP D 201 25.67 -41.76 -19.64
C ASP D 201 27.00 -41.28 -20.11
N GLU D 202 27.31 -40.03 -19.82
CA GLU D 202 28.56 -39.47 -20.30
C GLU D 202 29.26 -38.88 -19.13
N SER D 203 29.88 -39.73 -18.33
CA SER D 203 30.73 -39.43 -17.19
C SER D 203 31.53 -38.16 -17.34
N ILE D 204 31.55 -37.20 -16.44
CA ILE D 204 32.52 -36.10 -16.66
C ILE D 204 33.53 -36.19 -15.52
N ALA D 205 33.78 -37.43 -15.10
CA ALA D 205 34.69 -37.67 -13.97
C ALA D 205 36.14 -37.48 -14.36
N ASP D 206 36.47 -37.69 -15.64
CA ASP D 206 37.84 -37.48 -16.10
C ASP D 206 38.16 -35.98 -16.04
N LEU D 207 37.30 -35.22 -15.38
CA LEU D 207 37.41 -33.76 -15.26
C LEU D 207 37.83 -33.32 -13.86
N TYR D 208 37.49 -34.10 -12.84
CA TYR D 208 37.89 -33.79 -11.46
C TYR D 208 39.14 -34.58 -11.13
N PRO D 209 40.18 -33.99 -10.50
CA PRO D 209 40.16 -32.64 -9.97
C PRO D 209 40.60 -31.54 -10.92
N VAL D 210 39.52 -30.80 -11.14
CA VAL D 210 39.31 -29.45 -10.75
C VAL D 210 40.56 -28.77 -10.21
N GLU D 211 41.18 -27.91 -10.97
CA GLU D 211 42.21 -27.13 -10.34
C GLU D 211 41.72 -25.71 -10.35
N ILE D 212 42.17 -24.90 -9.40
CA ILE D 212 41.39 -23.66 -9.29
C ILE D 212 41.60 -22.78 -10.50
N ASP D 213 42.65 -23.01 -11.29
CA ASP D 213 42.86 -22.30 -12.55
C ASP D 213 42.06 -22.89 -13.70
N SER D 214 41.23 -23.85 -13.45
CA SER D 214 40.71 -24.44 -14.66
C SER D 214 39.51 -23.66 -15.12
N PRO D 215 39.35 -23.57 -16.43
CA PRO D 215 38.22 -22.85 -16.99
C PRO D 215 36.90 -23.61 -16.82
N TYR D 216 36.95 -24.81 -16.22
CA TYR D 216 35.73 -25.55 -15.92
C TYR D 216 35.20 -25.34 -14.51
N LEU D 217 35.96 -24.64 -13.66
CA LEU D 217 35.66 -24.65 -12.22
C LEU D 217 34.27 -24.10 -11.96
N ILE D 218 34.03 -22.85 -12.38
CA ILE D 218 32.75 -22.22 -12.12
C ILE D 218 31.60 -23.04 -12.67
N THR D 219 31.71 -23.51 -13.93
CA THR D 219 30.58 -24.21 -14.55
C THR D 219 30.34 -25.56 -13.89
N LEU D 220 31.40 -26.31 -13.59
CA LEU D 220 31.23 -27.57 -12.87
C LEU D 220 30.61 -27.35 -11.48
N ALA D 221 31.08 -26.35 -10.73
CA ALA D 221 30.46 -26.02 -9.44
C ALA D 221 28.97 -25.69 -9.62
N TYR D 222 28.68 -24.69 -10.44
CA TYR D 222 27.32 -24.31 -10.80
C TYR D 222 26.47 -25.54 -11.13
N LEU D 223 26.94 -26.32 -12.10
CA LEU D 223 26.20 -27.51 -12.50
C LEU D 223 26.05 -28.48 -11.34
N ASP D 224 27.06 -28.59 -10.48
CA ASP D 224 26.90 -29.51 -9.36
C ASP D 224 25.90 -28.98 -8.35
N LYS D 225 25.94 -27.69 -8.01
CA LYS D 225 24.90 -27.26 -7.11
C LYS D 225 23.54 -27.25 -7.80
N LEU D 226 23.49 -27.12 -9.11
CA LEU D 226 22.19 -27.17 -9.76
C LEU D 226 21.55 -28.54 -9.63
N HIS D 227 22.34 -29.61 -9.63
CA HIS D 227 21.68 -30.89 -9.44
C HIS D 227 21.22 -31.09 -8.00
N ARG D 228 21.85 -30.44 -7.02
CA ARG D 228 21.45 -30.67 -5.64
C ARG D 228 20.17 -29.94 -5.23
N GLU D 229 19.83 -28.85 -5.92
CA GLU D 229 18.57 -28.12 -5.86
C GLU D 229 17.55 -28.63 -6.85
N LYS D 230 17.79 -29.81 -7.45
CA LYS D 230 16.83 -30.39 -8.37
C LYS D 230 15.43 -30.46 -7.77
N ASN D 231 15.31 -30.28 -6.46
CA ASN D 231 14.04 -30.35 -5.79
C ASN D 231 13.67 -29.11 -4.99
N GLN D 232 14.62 -28.21 -4.70
CA GLN D 232 14.21 -26.97 -4.07
C GLN D 232 13.38 -26.14 -5.06
N SER D 233 12.71 -25.12 -4.56
CA SER D 233 11.85 -24.49 -5.55
C SER D 233 12.66 -23.50 -6.39
N ASP D 234 12.01 -23.03 -7.46
CA ASP D 234 12.62 -22.20 -8.49
C ASP D 234 13.63 -22.98 -9.32
N PHE D 235 13.53 -24.31 -9.33
CA PHE D 235 14.45 -25.11 -10.12
C PHE D 235 14.22 -24.94 -11.63
N ILE D 236 12.97 -24.74 -12.06
CA ILE D 236 12.66 -24.51 -13.48
C ILE D 236 13.47 -23.34 -14.02
N LEU D 237 13.42 -22.23 -13.31
CA LEU D 237 14.08 -21.11 -13.94
C LEU D 237 15.58 -21.22 -13.75
N ARG D 238 16.06 -21.90 -12.70
CA ARG D 238 17.50 -22.01 -12.57
C ARG D 238 18.08 -22.92 -13.64
N VAL D 239 17.40 -23.98 -14.02
CA VAL D 239 17.94 -24.78 -15.10
C VAL D 239 17.73 -24.11 -16.44
N PHE D 240 16.58 -23.47 -16.63
CA PHE D 240 16.49 -22.71 -17.87
C PHE D 240 17.54 -21.60 -17.98
N ALA D 241 17.90 -20.94 -16.88
CA ALA D 241 18.74 -19.73 -16.95
C ALA D 241 20.22 -20.04 -17.10
N PHE D 242 20.62 -21.28 -16.85
CA PHE D 242 21.99 -21.79 -16.79
C PHE D 242 22.81 -21.46 -18.03
N PRO D 243 22.40 -21.84 -19.24
CA PRO D 243 23.25 -21.51 -20.39
C PRO D 243 23.38 -20.02 -20.61
N ALA D 244 22.37 -19.24 -20.20
CA ALA D 244 22.45 -17.78 -20.29
C ALA D 244 23.36 -17.15 -19.24
N LEU D 245 23.66 -17.82 -18.13
CA LEU D 245 24.54 -17.24 -17.13
C LEU D 245 25.94 -17.86 -17.09
N LEU D 246 26.36 -18.54 -18.15
CA LEU D 246 27.72 -19.07 -18.17
C LEU D 246 28.71 -17.91 -18.13
N ASP D 247 29.84 -18.12 -17.44
CA ASP D 247 30.88 -17.11 -17.47
C ASP D 247 31.52 -17.06 -18.85
N LYS D 248 32.01 -15.88 -19.21
CA LYS D 248 32.37 -15.67 -20.60
C LYS D 248 33.62 -16.41 -21.01
N THR D 249 34.52 -16.75 -20.09
CA THR D 249 35.59 -17.58 -20.59
C THR D 249 35.06 -18.96 -20.99
N PHE D 250 34.34 -19.68 -20.11
CA PHE D 250 33.75 -20.94 -20.53
C PHE D 250 32.99 -20.80 -21.86
N LEU D 251 32.19 -19.74 -21.98
CA LEU D 251 31.41 -19.52 -23.19
C LEU D 251 32.30 -19.39 -24.42
N ALA D 252 33.42 -18.68 -24.29
CA ALA D 252 34.36 -18.56 -25.41
C ALA D 252 34.92 -19.92 -25.79
N LEU D 253 35.41 -20.66 -24.79
CA LEU D 253 35.80 -22.06 -24.97
C LEU D 253 34.72 -22.87 -25.70
N LEU D 254 33.45 -22.72 -25.32
CA LEU D 254 32.38 -23.52 -25.92
C LEU D 254 32.25 -23.28 -27.42
N MET D 255 32.13 -22.00 -27.80
CA MET D 255 31.99 -21.48 -29.16
C MET D 255 33.16 -21.83 -30.08
N THR D 256 34.25 -22.35 -29.53
CA THR D 256 35.39 -22.83 -30.31
C THR D 256 35.35 -24.34 -30.44
N GLY D 257 34.53 -25.01 -29.63
CA GLY D 257 34.39 -26.44 -29.68
C GLY D 257 35.30 -27.19 -28.75
N ASP D 258 35.78 -26.57 -27.67
CA ASP D 258 36.57 -27.25 -26.67
C ASP D 258 35.89 -28.54 -26.27
N LEU D 259 36.63 -29.64 -26.31
CA LEU D 259 35.97 -30.91 -26.04
C LEU D 259 35.47 -30.94 -24.61
N GLY D 260 36.29 -30.50 -23.65
CA GLY D 260 35.88 -30.55 -22.26
C GLY D 260 34.62 -29.75 -21.99
N ALA D 261 34.51 -28.56 -22.59
CA ALA D 261 33.34 -27.73 -22.39
C ALA D 261 32.10 -28.38 -23.00
N MET D 262 32.25 -29.14 -24.06
CA MET D 262 31.05 -29.71 -24.65
C MET D 262 30.52 -30.90 -23.85
N ARG D 263 31.43 -31.73 -23.33
CA ARG D 263 31.07 -32.82 -22.42
C ARG D 263 30.35 -32.33 -21.18
N ILE D 264 30.72 -31.14 -20.69
CA ILE D 264 30.04 -30.58 -19.54
C ILE D 264 28.64 -30.14 -19.92
N MET D 265 28.51 -29.47 -21.06
CA MET D 265 27.21 -29.05 -21.52
C MET D 265 26.31 -30.23 -21.85
N ARG D 266 26.85 -31.33 -22.38
CA ARG D 266 25.98 -32.48 -22.63
C ARG D 266 25.48 -33.10 -21.34
N CYS D 267 26.26 -33.05 -20.27
CA CYS D 267 25.70 -33.49 -19.00
C CYS D 267 24.63 -32.53 -18.53
N TYR D 268 24.85 -31.20 -18.63
CA TYR D 268 23.73 -30.28 -18.39
C TYR D 268 22.48 -30.69 -19.15
N TYR D 269 22.63 -31.04 -20.43
CA TYR D 269 21.50 -31.38 -21.29
C TYR D 269 20.73 -32.61 -20.78
N GLN D 270 21.42 -33.63 -20.30
CA GLN D 270 20.59 -34.70 -19.75
C GLN D 270 19.85 -34.24 -18.51
N LEU D 271 20.43 -33.38 -17.66
CA LEU D 271 19.64 -32.84 -16.55
C LEU D 271 18.40 -32.10 -17.06
N LEU D 272 18.60 -31.13 -17.97
CA LEU D 272 17.50 -30.35 -18.53
C LEU D 272 16.44 -31.24 -19.18
N ARG D 273 16.85 -32.18 -20.04
CA ARG D 273 15.85 -33.01 -20.71
C ARG D 273 15.22 -33.99 -19.73
N GLY D 274 16.03 -34.60 -18.87
CA GLY D 274 15.48 -35.39 -17.77
C GLY D 274 14.38 -34.67 -17.02
N PHE D 275 14.67 -33.45 -16.54
CA PHE D 275 13.68 -32.71 -15.78
C PHE D 275 12.42 -32.45 -16.62
N ALA D 276 12.61 -32.02 -17.86
CA ALA D 276 11.46 -31.75 -18.72
C ALA D 276 10.64 -33.01 -18.99
N THR D 277 11.29 -34.16 -19.15
CA THR D 277 10.44 -35.29 -19.49
C THR D 277 9.63 -35.77 -18.29
N GLU D 278 9.98 -35.35 -17.10
CA GLU D 278 9.43 -35.75 -15.82
C GLU D 278 8.31 -34.86 -15.30
N VAL D 279 8.14 -33.66 -15.86
CA VAL D 279 7.09 -32.74 -15.42
C VAL D 279 6.33 -32.23 -16.64
N LYS D 280 6.63 -32.80 -17.82
CA LYS D 280 5.93 -32.55 -19.07
C LYS D 280 4.42 -32.54 -18.93
N ASP D 281 3.94 -33.48 -18.10
CA ASP D 281 2.58 -33.93 -17.87
C ASP D 281 1.79 -33.01 -16.93
N LYS D 282 2.52 -32.13 -16.24
CA LYS D 282 2.08 -31.29 -15.14
C LYS D 282 2.18 -29.81 -15.48
N VAL D 283 3.25 -29.44 -16.17
CA VAL D 283 3.60 -28.07 -16.50
C VAL D 283 3.12 -27.80 -17.92
N TRP D 284 2.08 -27.00 -18.07
CA TRP D 284 1.46 -26.92 -19.38
C TRP D 284 2.40 -26.35 -20.45
N PHE D 285 3.23 -25.35 -20.08
CA PHE D 285 4.10 -24.74 -21.08
C PHE D 285 5.34 -25.57 -21.38
N LEU D 286 5.52 -26.72 -20.73
CA LEU D 286 6.53 -27.68 -21.14
C LEU D 286 5.95 -28.88 -21.87
N GLU D 287 4.69 -28.82 -22.31
CA GLU D 287 4.05 -29.97 -22.95
C GLU D 287 4.71 -30.24 -24.30
N GLY D 288 5.26 -31.43 -24.45
CA GLY D 288 5.87 -31.73 -25.74
C GLY D 288 7.18 -30.99 -26.00
N ILE D 289 7.88 -30.64 -24.89
CA ILE D 289 9.30 -30.20 -24.76
C ILE D 289 10.22 -31.06 -25.56
N THR D 290 9.91 -32.34 -25.27
CA THR D 290 10.42 -33.69 -25.53
C THR D 290 10.58 -34.03 -26.93
N GLN D 291 9.75 -33.46 -27.75
CA GLN D 291 9.78 -33.78 -29.15
C GLN D 291 10.76 -32.84 -29.81
N VAL D 292 10.75 -31.62 -29.28
CA VAL D 292 11.60 -30.48 -29.68
C VAL D 292 13.07 -30.77 -29.38
N LEU D 293 13.29 -31.31 -28.21
CA LEU D 293 14.63 -31.62 -27.68
C LEU D 293 14.86 -33.11 -27.90
N PRO D 294 15.68 -33.51 -28.86
CA PRO D 294 15.91 -34.93 -29.09
C PRO D 294 16.67 -35.59 -27.94
N GLN D 295 16.53 -36.91 -27.87
CA GLN D 295 17.19 -37.63 -26.78
C GLN D 295 18.68 -37.76 -27.02
N ASP D 296 19.09 -38.22 -28.18
CA ASP D 296 20.51 -38.09 -28.42
C ASP D 296 20.71 -36.84 -29.25
N VAL D 297 21.37 -35.92 -28.56
CA VAL D 297 21.62 -34.58 -29.09
C VAL D 297 22.30 -34.66 -30.43
N ASP D 298 23.03 -35.74 -30.74
CA ASP D 298 23.54 -35.99 -32.09
C ASP D 298 22.45 -36.24 -33.13
N ASP D 299 21.17 -36.28 -32.75
CA ASP D 299 20.05 -36.44 -33.65
C ASP D 299 19.45 -35.13 -34.12
N TYR D 300 19.94 -34.00 -33.61
CA TYR D 300 19.58 -32.70 -34.13
C TYR D 300 20.07 -32.65 -35.59
N SER D 301 19.72 -31.62 -36.32
CA SER D 301 20.30 -32.16 -37.54
C SER D 301 21.64 -31.61 -37.90
N GLY D 302 22.19 -30.46 -37.55
CA GLY D 302 23.64 -30.66 -37.85
C GLY D 302 24.46 -31.68 -37.00
N GLY D 303 23.82 -32.36 -36.07
CA GLY D 303 24.51 -33.03 -35.00
C GLY D 303 24.64 -32.13 -33.79
N GLY D 304 25.15 -32.72 -32.71
CA GLY D 304 25.21 -32.00 -31.45
C GLY D 304 25.93 -30.67 -31.55
N MET D 305 26.84 -30.53 -32.50
CA MET D 305 27.56 -29.27 -32.51
C MET D 305 26.76 -28.13 -33.09
N HIS D 306 25.94 -28.39 -34.10
CA HIS D 306 25.09 -27.35 -34.63
C HIS D 306 23.94 -27.05 -33.70
N MET D 307 23.48 -28.05 -32.94
CA MET D 307 22.51 -27.75 -31.91
C MET D 307 23.10 -26.75 -30.92
N MET D 308 24.38 -26.93 -30.57
CA MET D 308 24.98 -26.01 -29.61
C MET D 308 25.06 -24.62 -30.19
N LEU D 309 25.37 -24.53 -31.48
CA LEU D 309 25.58 -23.23 -32.09
C LEU D 309 24.27 -22.50 -32.35
N ASP D 310 23.20 -23.22 -32.66
CA ASP D 310 21.93 -22.54 -32.91
C ASP D 310 21.30 -21.98 -31.65
N PHE D 311 21.75 -22.41 -30.50
CA PHE D 311 21.15 -21.81 -29.34
C PHE D 311 22.07 -20.78 -28.70
N LEU D 312 23.32 -20.70 -29.14
CA LEU D 312 24.11 -19.64 -28.56
C LEU D 312 24.95 -18.86 -29.57
N GLY D 313 24.96 -19.21 -30.84
CA GLY D 313 25.60 -18.35 -31.83
C GLY D 313 24.89 -17.02 -32.00
N GLY D 314 25.62 -16.01 -32.51
CA GLY D 314 25.08 -14.66 -32.69
C GLY D 314 25.65 -14.02 -33.95
N GLY D 315 25.24 -12.78 -34.20
CA GLY D 315 25.71 -12.01 -35.35
C GLY D 315 25.41 -10.53 -35.24
C1 ERG E . -24.95 -17.93 18.25
C2 ERG E . -26.42 -18.33 18.21
C3 ERG E . -26.94 -18.33 19.62
C4 ERG E . -26.79 -16.93 20.23
C5 ERG E . -25.45 -16.42 20.11
C6 ERG E . -24.96 -15.57 21.10
C7 ERG E . -23.70 -14.97 21.04
C8 ERG E . -22.86 -15.19 19.93
C9 ERG E . -23.23 -16.21 19.02
C10 ERG E . -24.74 -16.55 18.90
C11 ERG E . -22.53 -16.07 17.59
C12 ERG E . -21.09 -15.60 17.67
C13 ERG E . -21.05 -14.28 18.49
C14 ERG E . -21.50 -14.69 19.91
C15 ERG E . -21.20 -13.44 20.71
C16 ERG E . -19.87 -12.92 20.09
C17 ERG E . -19.64 -13.80 18.82
C18 ERG E . -21.90 -13.16 17.86
C19 ERG E . -25.38 -15.46 18.00
C20 ERG E . -18.87 -12.98 17.77
C21 ERG E . -18.66 -13.71 16.45
C22 ERG E . -17.51 -12.67 18.39
C23 ERG E . -17.14 -11.26 18.73
C24 ERG E . -15.79 -10.98 19.39
C25 ERG E . -14.90 -10.25 18.36
C26 ERG E . -15.53 -8.89 18.05
C27 ERG E . -14.78 -11.02 17.03
C28 ERG E . -16.06 -10.11 20.60
O1 ERG E . -28.34 -18.75 19.65
H11 ERG E . -24.40 -18.67 18.83
H12 ERG E . -24.63 -17.83 17.22
H21 ERG E . -26.95 -17.53 17.68
H22A ERG E . -26.52 -19.33 17.77
H3 ERG E . -26.34 -19.02 20.21
H41 ERG E . -27.47 -16.25 19.72
H42 ERG E . -26.99 -17.05 21.29
H6 ERG E . -25.60 -15.37 21.97
H7 ERG E . -23.37 -14.33 21.85
H9 ERG E . -22.79 -17.12 19.41
H111 ERG E . -23.11 -15.36 17.00
H112 ERG E . -22.50 -17.08 17.18
H121 ERG E . -20.47 -16.35 18.16
H122 ERG E . -20.78 -15.33 16.66
H14 ERG E . -20.84 -15.48 20.26
H151 ERG E . -21.05 -13.68 21.77
H152 ERG E . -21.96 -12.70 20.47
H161 ERG E . -19.96 -11.87 19.81
H162 ERG E . -19.07 -13.18 20.79
H17 ERG E . -19.03 -14.66 19.11
H181 ERG E . -22.90 -13.54 17.63
H182 ERG E . -21.43 -12.82 16.94
H183 ERG E . -21.92 -12.38 18.62
H191 ERG E . -25.23 -14.48 18.45
H192 ERG E . -26.44 -15.65 17.89
H193 ERG E . -24.85 -15.55 17.04
H20 ERG E . -19.41 -12.04 17.59
H211 ERG E . -18.12 -14.64 16.63
H212 ERG E . -18.07 -13.08 15.78
H213 ERG E . -19.67 -13.88 16.08
H22 ERG E . -16.81 -13.48 18.58
H23 ERG E . -17.83 -10.44 18.51
H24 ERG E . -15.32 -11.91 19.68
H25 ERG E . -13.91 -10.10 18.78
H261 ERG E . -16.53 -9.03 17.64
H262 ERG E . -14.91 -8.35 17.34
H263 ERG E . -15.56 -8.38 19.03
H271 ERG E . -15.79 -11.17 16.61
H272 ERG E . -14.33 -11.99 17.21
H273 ERG E . -14.17 -10.37 16.41
H281 ERG E . -16.53 -9.18 20.28
H282 ERG E . -15.12 -9.89 21.11
H283 ERG E . -16.73 -10.72 21.21
HO1 ERG E . -28.90 -18.12 19.11
C1 ERG F . 41.80 30.14 11.66
C2 ERG F . 42.78 31.24 11.25
C3 ERG F . 43.77 30.64 10.29
C4 ERG F . 43.04 30.07 9.06
C5 ERG F . 41.97 29.19 9.41
C6 ERG F . 41.67 28.13 8.56
C7 ERG F . 40.59 27.26 8.78
C8 ERG F . 39.77 27.42 9.90
C9 ERG F . 40.17 28.34 10.90
C10 ERG F . 41.08 29.51 10.46
C11 ERG F . 38.98 28.83 11.85
C12 ERG F . 37.99 27.71 12.18
C13 ERG F . 37.49 27.10 10.86
C14 ERG F . 38.74 26.45 10.23
C15 ERG F . 38.13 25.64 9.09
C16 ERG F . 36.80 25.10 9.67
C17 ERG F . 36.64 25.83 11.04
C18 ERG F . 36.79 28.12 9.94
C19 ERG F . 40.15 30.57 9.80
C20 ERG F . 35.14 26.00 11.36
C21 ERG F . 34.85 26.77 12.63
C22 ERG F . 34.59 24.59 11.50
C23 ERG F . 33.60 24.06 10.51
C24 ERG F . 33.08 22.62 10.65
C25 ERG F . 31.62 22.68 11.08
C26 ERG F . 30.81 23.32 9.93
C27 ERG F . 31.40 23.53 12.33
C28 ERG F . 33.26 21.96 9.30
O1 ERG F . 44.77 31.63 9.87
H11 ERG F . 42.37 29.35 12.17
H12 ERG F . 41.04 30.62 12.26
H21 ERG F . 42.19 31.97 10.68
H22A ERG F . 43.29 31.64 12.12
H3 ERG F . 44.27 29.81 10.78
H41 ERG F . 42.64 30.91 8.48
H42 ERG F . 43.79 29.48 8.52
H6 ERG F . 42.29 27.99 7.67
H7 ERG F . 40.41 26.44 8.08
H9 ERG F . 40.81 27.76 11.57
H111 ERG F . 38.46 29.63 11.35
H112 ERG F . 39.46 29.10 12.79
H121 ERG F . 38.48 26.95 12.79
H122 ERG F . 37.13 28.20 12.64
H14 ERG F . 39.15 25.74 10.95
H151 ERG F . 38.79 24.82 8.80
H152 ERG F . 37.87 26.35 8.30
H161 ERG F . 35.97 25.35 9.02
H162 ERG F . 36.96 24.05 9.90
H17 ERG F . 37.09 25.21 11.81
H181 ERG F . 37.42 29.00 9.83
H182 ERG F . 35.84 28.41 10.38
H183 ERG F . 36.66 27.59 8.99
H191 ERG F . 39.64 30.14 8.95
H192 ERG F . 40.75 31.43 9.47
H193 ERG F . 39.46 30.87 10.60
H20 ERG F . 34.66 26.49 10.51
H211 ERG F . 35.33 26.28 13.47
H212 ERG F . 33.77 26.81 12.80
H213 ERG F . 35.26 27.77 12.44
H22 ERG F . 34.92 23.96 12.33
H23 ERG F . 33.25 24.68 9.69
H24 ERG F . 33.67 22.09 11.41
H25 ERG F . 31.25 21.67 11.26
H261 ERG F . 31.17 24.33 9.75
H262 ERG F . 29.76 23.35 10.22
H263 ERG F . 30.99 22.66 9.08
H271 ERG F . 31.76 24.54 12.16
H272 ERG F . 31.94 23.10 13.17
H273 ERG F . 30.32 23.51 12.49
H281 ERG F . 32.67 22.50 8.55
H282 ERG F . 32.91 20.93 9.36
H283 ERG F . 34.33 22.02 9.10
HO1 ERG F . 44.31 32.39 9.41
C1 ERG G . -37.71 18.99 -5.90
C2 ERG G . -38.92 19.68 -5.28
C3 ERG G . -40.10 19.39 -6.16
C4 ERG G . -40.34 17.88 -6.24
C5 ERG G . -39.16 17.16 -6.61
C6 ERG G . -39.31 15.99 -7.35
C7 ERG G . -38.21 15.18 -7.71
C8 ERG G . -36.92 15.51 -7.31
C9 ERG G . -36.70 16.81 -6.75
C10 ERG G . -37.91 17.47 -6.04
C11 ERG G . -35.36 16.93 -5.90
C12 ERG G . -34.19 16.16 -6.52
C13 ERG G . -34.63 14.70 -6.73
C14 ERG G . -35.76 14.77 -7.79
C15 ERG G . -35.95 13.32 -8.14
C16 ERG G . -34.52 12.73 -8.11
C17 ERG G . -33.64 13.86 -7.52
C18 ERG G . -35.06 14.00 -5.42
C19 ERG G . -38.01 16.83 -4.63
C20 ERG G . -32.45 13.22 -6.76
C21 ERG G . -31.54 14.23 -6.06
C22 ERG G . -31.63 12.48 -7.81
C23 ERG G . -31.53 10.99 -7.78
C24 ERG G . -30.74 10.25 -8.86
C25 ERG G . -29.47 9.68 -8.22
C26 ERG G . -29.88 8.61 -7.19
C27 ERG G . -28.65 10.75 -7.47
C28 ERG G . -31.63 9.16 -9.39
O1 ERG G . -41.30 20.07 -5.65
H11 ERG G . -37.52 19.41 -6.89
H12 ERG G . -36.88 19.12 -5.20
H21 ERG G . -39.11 19.20 -4.33
H22A ERG G . -38.75 20.76 -5.24
H3 ERG G . -39.89 19.75 -7.17
H41 ERG G . -40.67 17.53 -5.26
H42 ERG G . -41.07 17.74 -7.04
H6 ERG G . -40.31 15.69 -7.67
H7 ERG G . -38.38 14.28 -8.30
H9 ERG G . -36.52 17.46 -7.60
H111 ERG G . -35.55 16.56 -4.90
H112 ERG G . -35.09 17.99 -5.95
H121 ERG G . -33.91 16.61 -7.46
H122 ERG G . -33.41 16.13 -5.75
H14 ERG G . -35.36 15.29 -8.66
H151 ERG G . -36.40 13.22 -9.14
H152 ERG G . -36.49 12.85 -7.32
H161 ERG G . -34.48 11.84 -7.48
H162 ERG G . -34.21 12.60 -9.15
H17 ERG G . -33.24 14.46 -8.34
H181 ERG G . -35.77 14.63 -4.88
H182 ERG G . -34.18 13.83 -4.80
H183 ERG G . -35.50 13.06 -5.75
H191 ERG G . -38.15 15.76 -4.73
H192 ERG G . -38.85 17.27 -4.09
H193 ERG G . -37.05 17.09 -4.16
H20 ERG G . -32.83 12.51 -6.03
H211 ERG G . -31.16 14.95 -6.79
H212 ERG G . -30.71 13.71 -5.58
H213 ERG G . -32.19 14.71 -5.32
H22 ERG G . -31.11 13.03 -8.59
H23 ERG G . -32.02 10.42 -6.99
H24 ERG G . -30.47 10.95 -9.66
H25 ERG G . -28.85 9.22 -8.99
H261 ERG G . -30.50 9.08 -6.43
H262 ERG G . -28.99 8.18 -6.73
H263 ERG G . -30.44 7.88 -7.79
H271 ERG G . -29.26 11.21 -6.70
H272 ERG G . -28.32 11.51 -8.18
H273 ERG G . -27.81 10.19 -7.05
H281 ERG G . -31.90 8.48 -8.59
H282 ERG G . -31.11 8.61 -10.19
H283 ERG G . -32.51 9.70 -9.78
HO1 ERG G . -41.51 19.75 -4.73
C1 ERG H . 25.06 -29.47 -28.16
C2 ERG H . 26.32 -30.33 -28.26
C3 ERG H . 27.50 -29.42 -28.28
C4 ERG H . 27.55 -28.57 -27.01
C5 ERG H . 26.30 -27.89 -26.76
C6 ERG H . 26.33 -26.65 -26.14
C7 ERG H . 25.17 -25.95 -25.79
C8 ERG H . 23.91 -26.48 -26.07
C9 ERG H . 23.83 -27.63 -26.90
C10 ERG H . 25.07 -28.57 -26.92
C11 ERG H . 22.47 -28.44 -26.78
C12 ERG H . 21.25 -27.53 -26.60
C13 ERG H . 21.50 -26.59 -25.41
C14 ERG H . 22.70 -25.71 -25.85
C15 ERG H . 22.71 -24.65 -24.77
C16 ERG H . 21.21 -24.39 -24.47
C17 ERG H . 20.45 -25.49 -25.25
C18 ERG H . 21.74 -27.34 -24.08
C19 ERG H . 24.99 -29.44 -25.65
C20 ERG H . 19.14 -25.84 -24.50
C21 ERG H . 18.34 -26.97 -25.13
C22 ERG H . 18.30 -24.56 -24.53
C23 ERG H . 18.01 -23.82 -23.26
C24 ERG H . 17.19 -22.53 -23.31
C25 ERG H . 15.82 -22.80 -22.69
C26 ERG H . 16.02 -23.12 -21.20
C27 ERG H . 15.10 -24.00 -23.34
C28 ERG H . 17.98 -21.49 -22.53
O1 ERG H . 28.75 -30.19 -28.42
H11 ERG H . 25.01 -28.84 -29.05
H12 ERG H . 24.22 -30.15 -28.04
H21 ERG H . 26.37 -30.90 -27.33
H22A ERG H . 26.28 -30.93 -29.17
H3 ERG H . 27.40 -28.75 -29.14
H41 ERG H . 27.75 -29.22 -26.16
H42 ERG H . 28.30 -27.80 -27.19
H6 ERG H . 27.30 -26.21 -25.89
H7 ERG H . 25.25 -24.97 -25.30
H9 ERG H . 23.79 -27.24 -27.91
H111 ERG H . 22.55 -29.09 -25.91
H112 ERG H . 22.34 -28.94 -27.72
H121 ERG H . 21.09 -26.96 -27.51
H122 ERG H . 20.42 -28.19 -26.31
H14 ERG H . 22.42 -25.22 -26.79
H151 ERG H . 23.20 -23.74 -25.13
H152 ERG H . 23.13 -25.11 -23.88
H161 ERG H . 21.02 -24.47 -23.40
H162 ERG H . 20.96 -23.44 -24.93
H17 ERG H . 20.20 -25.11 -26.23
H181 ERG H . 22.50 -28.11 -24.23
H182 ERG H . 20.81 -27.80 -23.76
H183 ERG H . 22.09 -26.57 -23.40
H191 ERG H . 25.00 -28.80 -24.76
H192 ERG H . 25.85 -30.11 -25.61
H193 ERG H . 24.05 -29.99 -25.76
H20 ERG H . 19.38 -26.09 -23.47
H211 ERG H . 18.10 -26.72 -26.16
H212 ERG H . 17.42 -27.11 -24.57
H213 ERG H . 19.00 -27.83 -25.06
H22 ERG H . 17.91 -24.19 -25.47
H23 ERG H . 18.37 -24.20 -22.31
H24 ERG H . 17.07 -22.21 -24.35
H25 ERG H . 15.20 -21.91 -22.78
H261 ERG H . 16.64 -24.01 -21.10
H262 ERG H . 15.05 -23.30 -20.74
H263 ERG H . 16.51 -22.23 -20.80
H271 ERG H . 15.72 -24.88 -23.24
H272 ERG H . 14.93 -23.79 -24.39
H273 ERG H . 14.17 -24.08 -22.77
H281 ERG H . 18.08 -21.83 -21.50
H282 ERG H . 17.43 -20.55 -22.56
H283 ERG H . 18.93 -21.42 -23.05
HO1 ERG H . 28.84 -30.81 -27.64
#